data_7XVW
#
_entry.id   7XVW
#
_cell.length_a   126.085
_cell.length_b   126.085
_cell.length_c   110.432
_cell.angle_alpha   90.000
_cell.angle_beta   90.000
_cell.angle_gamma   90.000
#
_symmetry.space_group_name_H-M   'I 4'
#
loop_
_entity.id
_entity.type
_entity.pdbx_description
1 polymer Neuraminidase
2 non-polymer '3-(1-ACETYLAMINO-2-ETHYL-BUTYL)-4-GUANIDINO-2-HYDROXY-CYCLOPENTANECARBOXYLIC ACID'
3 non-polymer 2-acetamido-2-deoxy-beta-D-glucopyranose
4 non-polymer 'CALCIUM ION'
5 water water
#
_entity_poly.entity_id   1
_entity_poly.type   'polypeptide(L)'
_entity_poly.pdbx_seq_one_letter_code
;GSLVPRGSPSRSEFTEWRFPKSTCPGRSLQKMLQLNPHRHATAGSQAATIPNREPFISCSQDECRLFTLDHDVSTPGAYD
GITWEDRSKRRRLVSFPLGSELTLDNMKVHLSGWSGTACHDGKEWTYATVNGPDNSAVMRLKYGDQIRGSFPSYANNILR
TQESECVCIDGKCYIIVIDGPAGGTATPKVLVTREGEVTSEIIVTGRNKMGEECSCLATNRTWIECLCRDNAFSAKRPII
RIDTVAGTARGYLMCSDTYLDTPRPADGSITGSCETDGTSGGGGVKGAFALSRTTEATTERFYVRTVSSSARSGAVFYKT
TDDPTESNNPLTLIGTAVGGAIPMWYSFSFEIPGKVCDQTCIGLEMGLTMGHQLWTSNSVAVYCVIGDNLDWDSTTDVVP
ADIV
;
_entity_poly.pdbx_strand_id   A,B
#
loop_
_chem_comp.id
_chem_comp.type
_chem_comp.name
_chem_comp.formula
BCZ non-polymer '3-(1-ACETYLAMINO-2-ETHYL-BUTYL)-4-GUANIDINO-2-HYDROXY-CYCLOPENTANECARBOXYLIC ACID' 'C15 H28 N4 O4'
CA non-polymer 'CALCIUM ION' 'Ca 2'
NAG D-saccharide, beta linking 2-acetamido-2-deoxy-beta-D-glucopyranose 'C8 H15 N O6'
#
# COMPACT_ATOMS: atom_id res chain seq x y z
N GLU A 16 8.41 17.47 -38.23
CA GLU A 16 9.51 17.91 -37.38
C GLU A 16 9.70 17.02 -36.14
N TRP A 17 9.08 17.39 -35.03
CA TRP A 17 9.23 16.64 -33.81
C TRP A 17 8.38 15.37 -33.83
N ARG A 18 8.88 14.33 -33.19
CA ARG A 18 8.09 13.14 -32.95
CA ARG A 18 8.05 13.15 -32.99
C ARG A 18 6.95 13.46 -32.00
N PHE A 19 5.77 12.92 -32.27
CA PHE A 19 4.61 12.99 -31.39
C PHE A 19 3.77 11.75 -31.64
N PRO A 20 2.93 11.35 -30.68
CA PRO A 20 2.18 10.09 -30.83
C PRO A 20 1.03 10.26 -31.80
N LYS A 21 0.94 9.34 -32.77
CA LYS A 21 -0.20 9.22 -33.67
C LYS A 21 -1.07 8.06 -33.22
N SER A 22 -2.27 8.02 -33.77
CA SER A 22 -3.14 6.85 -33.62
C SER A 22 -2.41 5.60 -34.14
N THR A 23 -2.62 4.46 -33.48
CA THR A 23 -1.87 3.27 -33.83
C THR A 23 -2.48 2.52 -35.01
N CYS A 24 -1.62 1.73 -35.67
CA CYS A 24 -2.08 0.91 -36.77
CA CYS A 24 -2.04 0.86 -36.77
C CYS A 24 -3.07 -0.14 -36.26
N PRO A 25 -4.11 -0.46 -37.05
CA PRO A 25 -5.13 -1.41 -36.58
C PRO A 25 -4.50 -2.75 -36.22
N GLY A 26 -5.03 -3.35 -35.16
CA GLY A 26 -4.47 -4.57 -34.62
C GLY A 26 -5.22 -4.93 -33.36
N ARG A 27 -5.44 -6.23 -33.14
CA ARG A 27 -6.25 -6.72 -32.03
C ARG A 27 -5.58 -7.86 -31.31
N SER A 28 -4.28 -8.06 -31.53
CA SER A 28 -3.55 -9.17 -30.94
C SER A 28 -2.06 -8.85 -31.01
N LEU A 29 -1.22 -9.84 -30.71
CA LEU A 29 0.23 -9.72 -30.86
C LEU A 29 0.72 -10.85 -31.76
N GLN A 30 1.54 -10.50 -32.75
CA GLN A 30 2.11 -11.49 -33.67
C GLN A 30 3.60 -11.26 -33.85
N LYS A 31 4.32 -12.34 -34.16
CA LYS A 31 5.77 -12.27 -34.16
C LYS A 31 6.28 -11.44 -35.32
N MET A 32 7.22 -10.54 -35.03
CA MET A 32 7.97 -9.88 -36.10
C MET A 32 9.21 -10.70 -36.42
N LEU A 33 10.19 -10.71 -35.52
CA LEU A 33 11.47 -11.35 -35.80
C LEU A 33 12.12 -11.75 -34.47
N GLN A 34 13.26 -12.42 -34.58
CA GLN A 34 14.05 -12.82 -33.43
C GLN A 34 15.52 -12.72 -33.81
N LEU A 35 16.32 -12.22 -32.88
CA LEU A 35 17.78 -12.17 -32.99
C LEU A 35 18.36 -13.15 -31.99
N ASN A 36 19.31 -13.95 -32.43
CA ASN A 36 19.77 -15.08 -31.63
C ASN A 36 21.26 -15.24 -31.87
N PRO A 37 22.07 -14.26 -31.47
CA PRO A 37 23.48 -14.26 -31.87
C PRO A 37 24.25 -15.47 -31.41
N HIS A 38 23.93 -16.04 -30.25
CA HIS A 38 24.78 -17.11 -29.74
C HIS A 38 24.46 -18.46 -30.35
N ARG A 39 23.48 -18.53 -31.27
CA ARG A 39 23.44 -19.65 -32.21
C ARG A 39 24.75 -19.78 -32.96
N HIS A 40 25.49 -18.69 -33.09
CA HIS A 40 26.74 -18.64 -33.85
C HIS A 40 27.96 -18.77 -32.95
N ALA A 41 27.79 -19.21 -31.70
CA ALA A 41 28.91 -19.25 -30.77
C ALA A 41 29.22 -20.68 -30.36
N THR A 42 28.94 -21.63 -31.25
CA THR A 42 29.18 -23.03 -30.99
C THR A 42 30.53 -23.46 -31.57
N ALA A 43 30.90 -24.70 -31.28
CA ALA A 43 32.15 -25.25 -31.78
C ALA A 43 32.18 -25.16 -33.31
N GLY A 44 33.32 -24.73 -33.83
CA GLY A 44 33.49 -24.60 -35.26
C GLY A 44 33.06 -23.27 -35.83
N SER A 45 32.26 -22.49 -35.10
CA SER A 45 31.75 -21.25 -35.64
C SER A 45 32.85 -20.20 -35.75
N GLN A 46 32.59 -19.17 -36.57
CA GLN A 46 33.58 -18.17 -36.95
C GLN A 46 33.15 -16.76 -36.55
N ALA A 47 32.25 -16.63 -35.58
CA ALA A 47 31.65 -15.34 -35.26
C ALA A 47 32.06 -14.85 -33.89
N ALA A 48 32.30 -13.54 -33.78
CA ALA A 48 32.49 -12.87 -32.49
C ALA A 48 31.14 -12.29 -32.08
N THR A 49 30.38 -13.05 -31.27
CA THR A 49 29.05 -12.63 -30.85
C THR A 49 29.14 -11.78 -29.58
N ILE A 50 28.11 -10.96 -29.34
CA ILE A 50 28.17 -9.99 -28.25
C ILE A 50 27.23 -10.40 -27.12
N PRO A 51 27.76 -10.99 -26.05
CA PRO A 51 26.90 -11.32 -24.90
C PRO A 51 26.43 -10.03 -24.24
N ASN A 52 25.20 -10.06 -23.76
CA ASN A 52 24.59 -8.82 -23.33
C ASN A 52 23.39 -9.14 -22.46
N ARG A 53 22.92 -8.12 -21.73
CA ARG A 53 21.67 -8.22 -20.98
C ARG A 53 21.01 -6.85 -20.98
N GLU A 54 19.75 -6.83 -20.53
CA GLU A 54 18.88 -5.65 -20.58
C GLU A 54 18.75 -5.05 -22.00
N PRO A 55 18.36 -5.86 -22.99
CA PRO A 55 18.19 -5.33 -24.33
C PRO A 55 16.87 -4.61 -24.46
N PHE A 56 16.81 -3.71 -25.42
CA PHE A 56 15.55 -3.06 -25.76
C PHE A 56 15.68 -2.51 -27.18
N ILE A 57 14.57 -2.01 -27.71
CA ILE A 57 14.55 -1.47 -29.06
C ILE A 57 13.97 -0.07 -29.00
N SER A 58 14.54 0.84 -29.79
CA SER A 58 13.98 2.15 -30.01
C SER A 58 14.15 2.50 -31.47
N CYS A 59 13.27 3.35 -31.98
CA CYS A 59 13.20 3.64 -33.40
C CYS A 59 13.15 5.13 -33.64
N SER A 60 13.76 5.54 -34.73
CA SER A 60 13.48 6.83 -35.34
C SER A 60 12.56 6.60 -36.54
N GLN A 61 12.21 7.68 -37.23
CA GLN A 61 11.47 7.52 -38.47
C GLN A 61 12.31 6.83 -39.54
N ASP A 62 13.63 6.81 -39.41
CA ASP A 62 14.52 6.21 -40.39
C ASP A 62 14.86 4.75 -40.11
N GLU A 63 14.98 4.36 -38.85
CA GLU A 63 15.42 3.01 -38.56
C GLU A 63 15.09 2.67 -37.12
N CYS A 64 14.96 1.38 -36.88
CA CYS A 64 14.93 0.84 -35.53
C CYS A 64 16.29 0.29 -35.16
N ARG A 65 16.60 0.34 -33.87
CA ARG A 65 17.87 -0.17 -33.38
C ARG A 65 17.64 -1.02 -32.14
N LEU A 66 18.40 -2.11 -32.05
CA LEU A 66 18.44 -2.95 -30.86
C LEU A 66 19.54 -2.41 -29.96
N PHE A 67 19.15 -1.85 -28.82
CA PHE A 67 20.07 -1.36 -27.80
C PHE A 67 20.24 -2.45 -26.74
N THR A 68 21.43 -2.52 -26.16
CA THR A 68 21.62 -3.42 -25.02
C THR A 68 22.86 -2.97 -24.24
N LEU A 69 23.09 -3.63 -23.10
CA LEU A 69 24.24 -3.35 -22.25
C LEU A 69 25.24 -4.49 -22.41
N ASP A 70 26.43 -4.18 -22.94
CA ASP A 70 27.39 -5.23 -23.21
C ASP A 70 28.36 -5.33 -22.04
N HIS A 71 29.44 -6.10 -22.23
CA HIS A 71 30.46 -6.33 -21.23
C HIS A 71 31.87 -6.17 -21.82
N ASP A 72 32.00 -5.45 -22.92
CA ASP A 72 33.32 -5.14 -23.47
C ASP A 72 34.06 -6.44 -23.81
N VAL A 73 33.33 -7.36 -24.45
CA VAL A 73 33.84 -8.70 -24.70
C VAL A 73 32.96 -9.39 -25.74
N SER A 74 33.53 -10.35 -26.46
CA SER A 74 32.74 -11.16 -27.38
C SER A 74 32.83 -12.63 -26.96
N THR A 75 31.87 -13.42 -27.44
CA THR A 75 31.81 -14.84 -27.16
C THR A 75 31.90 -15.59 -28.49
N PRO A 76 32.79 -16.58 -28.63
CA PRO A 76 33.74 -17.13 -27.65
C PRO A 76 34.85 -16.15 -27.31
N GLY A 77 35.45 -16.32 -26.14
CA GLY A 77 36.55 -15.49 -25.72
C GLY A 77 36.85 -15.68 -24.24
N ALA A 78 38.10 -15.43 -23.84
CA ALA A 78 38.52 -15.80 -22.50
C ALA A 78 37.88 -14.91 -21.43
N TYR A 79 37.51 -13.68 -21.75
CA TYR A 79 37.03 -12.74 -20.76
C TYR A 79 35.51 -12.74 -20.60
N ASP A 80 34.79 -13.65 -21.28
CA ASP A 80 33.34 -13.51 -21.33
C ASP A 80 32.66 -14.09 -20.10
N GLY A 81 33.43 -14.50 -19.09
CA GLY A 81 32.86 -15.00 -17.87
C GLY A 81 32.29 -13.95 -16.94
N ILE A 82 32.49 -12.66 -17.23
CA ILE A 82 31.96 -11.60 -16.39
C ILE A 82 30.54 -11.20 -16.77
N THR A 83 29.94 -11.85 -17.75
CA THR A 83 28.70 -11.37 -18.35
C THR A 83 27.48 -11.52 -17.44
N TRP A 84 27.63 -12.15 -16.29
CA TRP A 84 26.57 -12.20 -15.30
C TRP A 84 26.47 -10.91 -14.47
N GLU A 85 27.51 -10.08 -14.46
CA GLU A 85 27.55 -8.95 -13.54
C GLU A 85 26.55 -7.88 -13.94
N ASP A 86 25.92 -7.28 -12.94
CA ASP A 86 24.97 -6.22 -13.21
C ASP A 86 25.66 -4.90 -13.53
N ARG A 87 26.72 -4.57 -12.81
CA ARG A 87 27.35 -3.26 -12.88
C ARG A 87 28.85 -3.43 -12.84
N SER A 88 29.55 -2.69 -13.70
CA SER A 88 31.00 -2.74 -13.73
C SER A 88 31.49 -1.61 -14.61
N LYS A 89 32.81 -1.42 -14.61
CA LYS A 89 33.46 -0.45 -15.49
C LYS A 89 33.58 -0.95 -16.92
N ARG A 90 33.12 -2.18 -17.20
CA ARG A 90 33.20 -2.73 -18.55
C ARG A 90 31.95 -2.45 -19.37
N ARG A 91 30.79 -2.32 -18.73
CA ARG A 91 29.53 -2.32 -19.47
C ARG A 91 29.32 -1.01 -20.20
N ARG A 92 28.69 -1.11 -21.36
CA ARG A 92 28.38 0.05 -22.17
C ARG A 92 26.99 -0.11 -22.77
N LEU A 93 26.31 1.01 -23.00
CA LEU A 93 25.14 1.00 -23.86
C LEU A 93 25.59 0.95 -25.30
N VAL A 94 25.23 -0.12 -26.01
CA VAL A 94 25.62 -0.30 -27.40
C VAL A 94 24.36 -0.57 -28.20
N SER A 95 24.45 -0.47 -29.53
CA SER A 95 23.27 -0.81 -30.33
C SER A 95 23.68 -1.37 -31.69
N PHE A 96 22.68 -1.94 -32.38
CA PHE A 96 22.78 -2.61 -33.65
C PHE A 96 21.58 -2.17 -34.47
N PRO A 97 21.74 -1.92 -35.77
CA PRO A 97 20.55 -1.78 -36.63
C PRO A 97 19.65 -2.98 -36.40
N LEU A 98 18.35 -2.72 -36.25
CA LEU A 98 17.44 -3.82 -35.96
C LEU A 98 17.39 -4.78 -37.12
N GLY A 99 17.72 -6.04 -36.88
CA GLY A 99 17.84 -7.02 -37.93
C GLY A 99 19.27 -7.39 -38.25
N SER A 100 20.25 -6.57 -37.84
CA SER A 100 21.63 -7.00 -37.87
C SER A 100 21.87 -7.95 -36.71
N GLU A 101 22.65 -8.99 -36.94
CA GLU A 101 22.91 -9.86 -35.80
C GLU A 101 23.96 -9.23 -34.88
N LEU A 102 24.01 -9.74 -33.65
CA LEU A 102 24.72 -9.07 -32.56
C LEU A 102 26.17 -9.56 -32.55
N THR A 103 26.94 -9.02 -33.49
CA THR A 103 28.32 -9.39 -33.67
C THR A 103 29.20 -8.17 -33.45
N LEU A 104 30.48 -8.43 -33.27
CA LEU A 104 31.40 -7.35 -32.91
C LEU A 104 31.44 -6.26 -33.97
N ASP A 105 31.51 -6.64 -35.27
CA ASP A 105 31.58 -5.62 -36.31
C ASP A 105 30.27 -4.85 -36.50
N ASN A 106 29.13 -5.42 -36.11
CA ASN A 106 27.86 -4.71 -36.24
C ASN A 106 27.62 -3.74 -35.09
N MET A 107 28.39 -3.85 -34.02
CA MET A 107 28.12 -3.11 -32.79
C MET A 107 28.52 -1.64 -32.89
N LYS A 108 27.71 -0.77 -32.28
CA LYS A 108 28.03 0.64 -32.14
C LYS A 108 27.97 1.02 -30.66
N VAL A 109 29.07 1.52 -30.12
CA VAL A 109 29.14 1.89 -28.71
C VAL A 109 28.67 3.33 -28.56
N HIS A 110 27.75 3.58 -27.61
CA HIS A 110 27.24 4.93 -27.39
C HIS A 110 27.77 5.58 -26.12
N LEU A 111 27.69 4.89 -24.96
CA LEU A 111 28.07 5.45 -23.67
C LEU A 111 28.48 4.31 -22.74
N SER A 112 29.57 4.50 -22.00
CA SER A 112 29.86 3.58 -20.91
C SER A 112 28.78 3.69 -19.83
N GLY A 113 28.49 2.58 -19.18
CA GLY A 113 27.53 2.59 -18.09
C GLY A 113 26.80 1.27 -17.99
N TRP A 114 26.02 1.13 -16.91
CA TRP A 114 25.45 -0.17 -16.57
C TRP A 114 23.94 -0.13 -16.37
N SER A 115 23.28 0.95 -16.79
CA SER A 115 21.83 1.05 -16.84
C SER A 115 21.53 2.05 -17.94
N GLY A 116 20.56 1.77 -18.79
CA GLY A 116 20.45 2.52 -20.03
C GLY A 116 19.02 2.80 -20.46
N THR A 117 18.92 3.81 -21.31
CA THR A 117 17.71 4.15 -22.04
C THR A 117 18.13 4.97 -23.25
N ALA A 118 17.23 5.09 -24.21
CA ALA A 118 17.49 5.86 -25.43
C ALA A 118 16.15 6.14 -26.11
N CYS A 119 16.09 7.24 -26.87
CA CYS A 119 14.87 7.57 -27.57
C CYS A 119 15.13 8.70 -28.56
N HIS A 120 14.40 8.68 -29.66
CA HIS A 120 14.60 9.63 -30.75
C HIS A 120 13.48 10.67 -30.71
N ASP A 121 13.85 11.95 -30.79
CA ASP A 121 12.84 13.00 -30.66
C ASP A 121 12.34 13.50 -32.00
N GLY A 122 12.73 12.84 -33.09
CA GLY A 122 12.43 13.28 -34.43
C GLY A 122 13.59 13.95 -35.13
N LYS A 123 14.54 14.50 -34.38
CA LYS A 123 15.75 15.07 -34.96
C LYS A 123 17.00 14.30 -34.60
N GLU A 124 17.20 13.95 -33.33
CA GLU A 124 18.41 13.26 -32.90
C GLU A 124 18.05 12.21 -31.86
N TRP A 125 18.97 11.25 -31.73
CA TRP A 125 18.92 10.32 -30.62
C TRP A 125 19.34 11.01 -29.33
N THR A 126 18.62 10.71 -28.26
CA THR A 126 19.09 10.90 -26.91
C THR A 126 19.46 9.52 -26.39
N TYR A 127 20.70 9.36 -25.93
CA TYR A 127 21.14 8.15 -25.25
C TYR A 127 21.47 8.53 -23.80
N ALA A 128 21.14 7.66 -22.86
CA ALA A 128 21.42 7.95 -21.45
C ALA A 128 21.84 6.67 -20.74
N THR A 129 22.95 6.74 -20.01
CA THR A 129 23.36 5.65 -19.14
C THR A 129 23.70 6.20 -17.77
N VAL A 130 23.69 5.31 -16.78
CA VAL A 130 24.23 5.62 -15.47
C VAL A 130 25.60 4.96 -15.38
N ASN A 131 26.58 5.73 -14.91
CA ASN A 131 27.96 5.30 -14.78
C ASN A 131 28.43 5.72 -13.41
N GLY A 132 29.39 4.98 -12.86
CA GLY A 132 29.99 5.35 -11.61
C GLY A 132 29.81 4.31 -10.52
N PRO A 133 30.32 4.58 -9.32
CA PRO A 133 30.15 3.63 -8.22
C PRO A 133 28.72 3.67 -7.69
N ASP A 134 28.36 2.59 -6.98
CA ASP A 134 26.97 2.42 -6.54
C ASP A 134 26.52 3.60 -5.68
N ASN A 135 27.42 4.17 -4.88
CA ASN A 135 26.98 5.23 -3.97
C ASN A 135 27.06 6.63 -4.56
N SER A 136 27.58 6.81 -5.77
CA SER A 136 27.65 8.16 -6.33
C SER A 136 27.61 8.11 -7.85
N ALA A 137 26.66 7.37 -8.40
CA ALA A 137 26.59 7.20 -9.84
C ALA A 137 26.05 8.46 -10.51
N VAL A 138 26.35 8.62 -11.79
CA VAL A 138 25.93 9.79 -12.53
C VAL A 138 25.28 9.33 -13.84
N MET A 139 24.08 9.84 -14.13
CA MET A 139 23.52 9.66 -15.46
C MET A 139 24.08 10.74 -16.39
N ARG A 140 24.60 10.31 -17.54
CA ARG A 140 25.01 11.24 -18.59
C ARG A 140 24.08 11.03 -19.78
N LEU A 141 23.66 12.13 -20.40
CA LEU A 141 22.74 12.08 -21.53
C LEU A 141 23.45 12.62 -22.76
N LYS A 142 23.49 11.81 -23.81
CA LYS A 142 24.15 12.14 -25.07
C LYS A 142 23.10 12.43 -26.13
N TYR A 143 23.21 13.59 -26.77
CA TYR A 143 22.26 14.03 -27.80
C TYR A 143 23.03 14.14 -29.10
N GLY A 144 22.74 13.25 -30.05
CA GLY A 144 23.62 13.09 -31.19
C GLY A 144 24.98 12.61 -30.70
N ASP A 145 26.02 13.42 -30.91
CA ASP A 145 27.39 13.05 -30.57
C ASP A 145 27.89 13.70 -29.29
N GLN A 146 27.14 14.61 -28.70
CA GLN A 146 27.60 15.40 -27.56
C GLN A 146 26.95 14.93 -26.28
N ILE A 147 27.70 14.96 -25.17
CA ILE A 147 27.08 14.75 -23.87
C ILE A 147 26.44 16.08 -23.46
N ARG A 148 25.12 16.15 -23.48
CA ARG A 148 24.45 17.40 -23.17
C ARG A 148 23.89 17.47 -21.75
N GLY A 149 23.68 16.33 -21.11
CA GLY A 149 23.02 16.31 -19.82
C GLY A 149 23.80 15.48 -18.82
N SER A 150 23.66 15.84 -17.56
CA SER A 150 24.29 15.11 -16.48
C SER A 150 23.39 15.21 -15.27
N PHE A 151 23.12 14.08 -14.64
CA PHE A 151 22.20 14.02 -13.54
C PHE A 151 22.80 13.13 -12.46
N PRO A 152 23.20 13.68 -11.32
CA PRO A 152 23.84 12.87 -10.29
C PRO A 152 22.83 12.13 -9.43
N SER A 153 23.33 11.07 -8.81
CA SER A 153 22.57 10.31 -7.83
C SER A 153 22.04 11.23 -6.74
N TYR A 154 20.77 11.04 -6.37
CA TYR A 154 20.13 11.82 -5.33
C TYR A 154 19.87 11.03 -4.06
N ALA A 155 19.98 9.70 -4.12
CA ALA A 155 19.80 8.88 -2.95
C ALA A 155 21.04 8.04 -2.71
N ASN A 156 22.03 8.13 -3.60
CA ASN A 156 23.35 7.55 -3.37
C ASN A 156 23.25 6.03 -3.19
N ASN A 157 22.35 5.40 -3.95
CA ASN A 157 22.18 3.95 -3.83
C ASN A 157 21.70 3.47 -5.21
N ILE A 158 22.67 3.31 -6.11
CA ILE A 158 22.47 2.74 -7.45
C ILE A 158 21.41 3.53 -8.21
N LEU A 159 21.71 4.79 -8.54
CA LEU A 159 20.92 5.50 -9.53
C LEU A 159 20.79 4.64 -10.79
N ARG A 160 19.58 4.54 -11.30
CA ARG A 160 19.32 3.57 -12.37
C ARG A 160 18.08 4.00 -13.14
N THR A 161 17.94 3.46 -14.35
CA THR A 161 16.88 3.91 -15.25
C THR A 161 16.21 2.69 -15.89
N GLN A 162 15.54 2.91 -17.01
CA GLN A 162 14.43 2.03 -17.43
C GLN A 162 14.86 0.69 -18.01
N GLU A 163 16.02 0.62 -18.67
CA GLU A 163 16.39 -0.53 -19.49
C GLU A 163 15.39 -0.75 -20.63
N SER A 164 14.72 0.31 -21.05
CA SER A 164 13.92 0.32 -22.27
C SER A 164 13.84 1.78 -22.74
N GLU A 165 13.25 1.97 -23.92
CA GLU A 165 13.28 3.30 -24.55
C GLU A 165 12.52 4.33 -23.71
N CYS A 166 13.01 5.57 -23.75
CA CYS A 166 12.26 6.69 -23.21
C CYS A 166 11.25 7.16 -24.27
N VAL A 167 10.47 8.18 -23.93
CA VAL A 167 9.40 8.66 -24.78
C VAL A 167 9.64 10.13 -25.06
N CYS A 168 9.61 10.52 -26.33
CA CYS A 168 9.75 11.93 -26.70
C CYS A 168 8.46 12.41 -27.36
N ILE A 169 8.02 13.61 -26.95
CA ILE A 169 6.82 14.25 -27.47
C ILE A 169 7.11 15.74 -27.62
N ASP A 170 6.98 16.25 -28.84
CA ASP A 170 7.09 17.69 -29.10
C ASP A 170 8.43 18.27 -28.66
N GLY A 171 9.51 17.53 -28.90
CA GLY A 171 10.85 18.03 -28.65
C GLY A 171 11.37 17.79 -27.26
N LYS A 172 10.57 17.23 -26.37
CA LYS A 172 10.98 16.94 -25.01
C LYS A 172 10.91 15.42 -24.81
N CYS A 173 11.90 14.87 -24.13
CA CYS A 173 11.90 13.44 -23.84
C CYS A 173 11.72 13.20 -22.35
N TYR A 174 11.10 12.08 -22.03
CA TYR A 174 10.70 11.77 -20.67
C TYR A 174 11.36 10.46 -20.27
N ILE A 175 12.16 10.50 -19.21
CA ILE A 175 12.97 9.38 -18.73
C ILE A 175 12.61 9.14 -17.27
N ILE A 176 12.34 7.89 -16.92
CA ILE A 176 12.11 7.52 -15.53
C ILE A 176 13.44 7.04 -14.93
N VAL A 177 13.81 7.62 -13.79
CA VAL A 177 14.95 7.16 -13.02
C VAL A 177 14.49 6.85 -11.61
N ILE A 178 15.30 6.06 -10.91
CA ILE A 178 15.03 5.72 -9.52
C ILE A 178 16.38 5.59 -8.83
N ASP A 179 16.37 5.74 -7.50
CA ASP A 179 17.60 5.76 -6.71
C ASP A 179 17.19 5.39 -5.31
N GLY A 180 17.93 4.50 -4.67
CA GLY A 180 17.53 4.03 -3.36
C GLY A 180 17.54 2.52 -3.27
N PRO A 181 17.24 1.99 -2.08
CA PRO A 181 17.33 0.54 -1.86
C PRO A 181 16.44 -0.23 -2.81
N ALA A 182 17.01 -1.23 -3.48
CA ALA A 182 16.21 -2.11 -4.32
C ALA A 182 15.27 -2.99 -3.51
N GLY A 183 15.52 -3.12 -2.20
CA GLY A 183 14.70 -3.90 -1.32
C GLY A 183 13.75 -3.09 -0.47
N GLY A 184 13.54 -1.81 -0.79
CA GLY A 184 12.72 -0.96 0.05
C GLY A 184 12.11 0.19 -0.69
N THR A 185 11.76 1.26 0.02
CA THR A 185 11.21 2.45 -0.61
C THR A 185 12.26 3.15 -1.44
N ALA A 186 11.95 3.39 -2.71
CA ALA A 186 12.83 4.12 -3.62
C ALA A 186 11.94 4.96 -4.53
N THR A 187 12.12 6.26 -4.51
CA THR A 187 11.17 7.14 -5.15
C THR A 187 11.62 7.42 -6.57
N PRO A 188 10.82 7.10 -7.58
CA PRO A 188 11.20 7.41 -8.96
C PRO A 188 10.95 8.89 -9.26
N LYS A 189 11.67 9.37 -10.26
CA LYS A 189 11.52 10.72 -10.76
C LYS A 189 11.41 10.64 -12.27
N VAL A 190 10.67 11.57 -12.85
CA VAL A 190 10.61 11.74 -14.29
C VAL A 190 11.56 12.87 -14.66
N LEU A 191 12.56 12.57 -15.47
CA LEU A 191 13.43 13.62 -16.01
C LEU A 191 12.87 14.11 -17.34
N VAL A 192 12.81 15.43 -17.51
CA VAL A 192 12.36 16.02 -18.76
C VAL A 192 13.57 16.61 -19.44
N THR A 193 13.87 16.14 -20.66
CA THR A 193 15.08 16.54 -21.34
C THR A 193 14.74 17.28 -22.63
N ARG A 194 15.63 18.18 -23.02
CA ARG A 194 15.52 18.84 -24.30
C ARG A 194 16.92 18.93 -24.89
N GLU A 195 17.11 18.31 -26.05
CA GLU A 195 18.42 18.11 -26.62
C GLU A 195 19.40 17.50 -25.61
N GLY A 196 18.89 16.54 -24.83
CA GLY A 196 19.71 15.84 -23.86
C GLY A 196 19.94 16.57 -22.55
N GLU A 197 19.65 17.86 -22.47
CA GLU A 197 19.76 18.59 -21.21
C GLU A 197 18.56 18.31 -20.32
N VAL A 198 18.79 17.99 -19.05
CA VAL A 198 17.71 17.84 -18.09
C VAL A 198 17.17 19.23 -17.76
N THR A 199 15.99 19.55 -18.28
CA THR A 199 15.41 20.87 -18.07
C THR A 199 14.46 20.92 -16.88
N SER A 200 13.87 19.80 -16.47
CA SER A 200 13.06 19.77 -15.25
C SER A 200 12.98 18.35 -14.71
N GLU A 201 12.62 18.23 -13.43
CA GLU A 201 12.25 16.95 -12.85
C GLU A 201 10.77 17.00 -12.49
N ILE A 202 10.04 15.93 -12.78
CA ILE A 202 8.64 15.82 -12.40
C ILE A 202 8.54 14.88 -11.21
N ILE A 203 7.92 15.36 -10.14
CA ILE A 203 7.72 14.54 -8.95
C ILE A 203 6.57 13.58 -9.20
N VAL A 204 6.81 12.30 -8.91
CA VAL A 204 5.77 11.28 -9.04
C VAL A 204 4.97 11.30 -7.74
N THR A 205 3.69 11.67 -7.84
CA THR A 205 2.82 11.69 -6.68
C THR A 205 2.07 10.35 -6.57
N GLY A 206 1.20 10.24 -5.57
CA GLY A 206 0.35 9.06 -5.46
C GLY A 206 1.09 7.86 -4.92
N ARG A 207 0.92 6.71 -5.59
CA ARG A 207 1.57 5.47 -5.20
C ARG A 207 2.97 5.50 -5.79
N ASN A 208 3.94 5.96 -5.00
CA ASN A 208 5.23 6.36 -5.53
C ASN A 208 6.42 5.79 -4.76
N LYS A 209 6.23 4.71 -3.99
CA LYS A 209 7.31 4.21 -3.15
C LYS A 209 8.22 3.23 -3.88
N MET A 210 7.96 2.98 -5.15
CA MET A 210 8.78 2.07 -5.95
C MET A 210 8.42 2.31 -7.41
N GLY A 211 9.24 1.76 -8.30
CA GLY A 211 8.97 1.87 -9.73
C GLY A 211 10.23 1.69 -10.54
N GLU A 212 10.74 0.46 -10.56
CA GLU A 212 11.95 0.12 -11.30
C GLU A 212 11.63 -0.17 -12.75
N GLU A 213 12.59 0.14 -13.63
CA GLU A 213 12.66 -0.41 -14.98
C GLU A 213 11.35 -0.24 -15.74
N CYS A 214 10.84 0.99 -15.75
CA CYS A 214 9.53 1.23 -16.37
C CYS A 214 9.60 1.06 -17.88
N SER A 215 8.59 0.40 -18.44
CA SER A 215 8.35 0.38 -19.88
C SER A 215 7.24 1.38 -20.17
N CYS A 216 7.52 2.36 -21.02
CA CYS A 216 6.64 3.52 -21.18
C CYS A 216 6.19 3.67 -22.63
N LEU A 217 4.92 3.99 -22.81
CA LEU A 217 4.33 4.24 -24.12
C LEU A 217 3.37 5.41 -23.99
N ALA A 218 3.29 6.23 -25.04
CA ALA A 218 2.23 7.23 -25.07
C ALA A 218 0.86 6.56 -25.15
N THR A 219 -0.08 7.05 -24.33
CA THR A 219 -1.45 6.58 -24.36
C THR A 219 -2.34 7.46 -25.22
N ASN A 220 -1.89 8.66 -25.55
CA ASN A 220 -2.54 9.49 -26.55
C ASN A 220 -1.57 10.60 -26.93
N ARG A 221 -2.11 11.70 -27.46
CA ARG A 221 -1.27 12.75 -28.03
C ARG A 221 -0.37 13.40 -26.97
N THR A 222 -0.76 13.38 -25.69
CA THR A 222 -0.02 14.13 -24.68
C THR A 222 0.27 13.40 -23.38
N TRP A 223 -0.18 12.15 -23.22
CA TRP A 223 0.03 11.42 -21.97
C TRP A 223 0.89 10.19 -22.21
N ILE A 224 1.67 9.82 -21.20
CA ILE A 224 2.50 8.64 -21.24
C ILE A 224 2.07 7.73 -20.10
N GLU A 225 2.14 6.42 -20.32
CA GLU A 225 1.89 5.45 -19.26
C GLU A 225 3.07 4.50 -19.14
N CYS A 226 3.56 4.28 -17.92
CA CYS A 226 4.73 3.44 -17.69
C CYS A 226 4.32 2.26 -16.83
N LEU A 227 4.73 1.06 -17.24
CA LEU A 227 4.48 -0.16 -16.49
C LEU A 227 5.79 -0.57 -15.83
N CYS A 228 5.83 -0.63 -14.50
CA CYS A 228 7.12 -0.74 -13.83
C CYS A 228 7.19 -2.02 -13.01
N ARG A 229 8.27 -2.14 -12.24
CA ARG A 229 8.54 -3.28 -11.38
C ARG A 229 8.67 -2.77 -9.95
N ASP A 230 7.85 -3.30 -9.04
CA ASP A 230 8.00 -3.01 -7.62
C ASP A 230 8.87 -4.12 -7.04
N ASN A 231 10.12 -3.80 -6.76
CA ASN A 231 11.06 -4.84 -6.35
C ASN A 231 10.98 -5.16 -4.87
N ALA A 232 10.06 -4.55 -4.12
CA ALA A 232 10.09 -4.74 -2.68
C ALA A 232 8.73 -5.10 -2.07
N PHE A 233 7.64 -4.51 -2.55
CA PHE A 233 6.38 -4.50 -1.82
C PHE A 233 5.23 -5.31 -2.42
N SER A 234 5.24 -5.58 -3.72
CA SER A 234 4.01 -6.10 -4.31
C SER A 234 4.30 -6.88 -5.59
N ALA A 235 3.48 -7.91 -5.84
CA ALA A 235 3.50 -8.59 -7.14
C ALA A 235 2.65 -7.87 -8.18
N LYS A 236 1.87 -6.88 -7.77
CA LYS A 236 1.25 -5.95 -8.72
C LYS A 236 2.29 -4.99 -9.26
N ARG A 237 2.18 -4.67 -10.55
CA ARG A 237 3.14 -3.73 -11.15
C ARG A 237 2.68 -2.30 -10.92
N PRO A 238 3.58 -1.41 -10.50
CA PRO A 238 3.25 0.02 -10.49
C PRO A 238 3.04 0.53 -11.91
N ILE A 239 2.15 1.50 -12.01
CA ILE A 239 1.90 2.20 -13.25
C ILE A 239 2.09 3.68 -12.98
N ILE A 240 2.85 4.36 -13.83
CA ILE A 240 3.04 5.80 -13.69
C ILE A 240 2.48 6.46 -14.93
N ARG A 241 1.65 7.49 -14.74
CA ARG A 241 1.09 8.25 -15.84
C ARG A 241 1.65 9.66 -15.79
N ILE A 242 2.07 10.16 -16.95
CA ILE A 242 2.68 11.47 -17.09
C ILE A 242 1.78 12.31 -17.99
N ASP A 243 1.39 13.47 -17.50
CA ASP A 243 0.74 14.48 -18.32
C ASP A 243 1.84 15.43 -18.78
N THR A 244 2.22 15.33 -20.06
CA THR A 244 3.34 16.14 -20.52
C THR A 244 2.96 17.60 -20.71
N VAL A 245 1.67 17.91 -20.84
CA VAL A 245 1.25 19.30 -20.96
C VAL A 245 1.25 19.97 -19.59
N ALA A 246 0.61 19.33 -18.61
CA ALA A 246 0.63 19.86 -17.25
C ALA A 246 2.00 19.71 -16.59
N GLY A 247 2.83 18.79 -17.08
CA GLY A 247 4.08 18.48 -16.40
C GLY A 247 3.86 17.85 -15.03
N THR A 248 2.97 16.86 -14.94
CA THR A 248 2.70 16.15 -13.70
C THR A 248 2.81 14.64 -13.92
N ALA A 249 3.06 13.91 -12.85
CA ALA A 249 3.10 12.45 -12.92
C ALA A 249 2.53 11.85 -11.65
N ARG A 250 1.75 10.78 -11.79
CA ARG A 250 1.12 10.11 -10.67
C ARG A 250 1.35 8.62 -10.77
N GLY A 251 1.65 8.01 -9.63
CA GLY A 251 1.85 6.57 -9.54
C GLY A 251 0.58 5.86 -9.11
N TYR A 252 0.38 4.66 -9.66
CA TYR A 252 -0.74 3.79 -9.35
C TYR A 252 -0.21 2.39 -9.13
N LEU A 253 -1.07 1.50 -8.66
CA LEU A 253 -0.75 0.08 -8.65
C LEU A 253 -1.73 -0.62 -9.58
N MET A 254 -1.20 -1.42 -10.51
CA MET A 254 -2.07 -2.14 -11.44
C MET A 254 -3.03 -3.02 -10.65
N CYS A 255 -4.32 -2.89 -10.95
CA CYS A 255 -5.38 -3.44 -10.12
C CYS A 255 -5.82 -4.85 -10.53
N SER A 256 -5.48 -5.31 -11.74
CA SER A 256 -6.03 -6.56 -12.24
C SER A 256 -5.65 -7.75 -11.36
N ASP A 257 -6.61 -8.67 -11.19
CA ASP A 257 -6.33 -9.93 -10.48
C ASP A 257 -5.22 -10.74 -11.14
N THR A 258 -4.94 -10.47 -12.42
CA THR A 258 -3.89 -11.14 -13.19
C THR A 258 -2.58 -10.41 -12.92
N TYR A 259 -1.90 -10.77 -11.84
CA TYR A 259 -0.69 -10.05 -11.43
C TYR A 259 0.44 -10.35 -12.40
N LEU A 260 1.18 -9.30 -12.80
CA LEU A 260 2.13 -9.43 -13.91
C LEU A 260 3.57 -9.64 -13.47
N ASP A 261 3.89 -9.49 -12.19
CA ASP A 261 5.29 -9.61 -11.78
C ASP A 261 5.62 -11.06 -11.48
N THR A 262 6.92 -11.32 -11.28
CA THR A 262 7.41 -12.66 -10.96
C THR A 262 8.49 -12.45 -9.91
N PRO A 263 8.40 -13.13 -8.75
CA PRO A 263 7.37 -14.09 -8.33
C PRO A 263 6.05 -13.42 -7.96
N ARG A 264 4.97 -14.19 -7.84
CA ARG A 264 3.66 -13.63 -7.57
C ARG A 264 2.80 -14.69 -6.92
N PRO A 265 1.81 -14.31 -6.14
CA PRO A 265 0.87 -15.28 -5.59
C PRO A 265 -0.14 -15.64 -6.67
N ALA A 266 -1.06 -16.55 -6.32
CA ALA A 266 -2.09 -16.95 -7.27
C ALA A 266 -2.99 -15.76 -7.62
N ASP A 267 -3.49 -15.78 -8.86
CA ASP A 267 -4.28 -14.67 -9.37
C ASP A 267 -5.48 -14.39 -8.45
N GLY A 268 -5.71 -13.11 -8.19
CA GLY A 268 -6.83 -12.66 -7.38
C GLY A 268 -6.66 -12.80 -5.89
N SER A 269 -5.57 -13.40 -5.41
CA SER A 269 -5.47 -13.75 -4.00
C SER A 269 -4.99 -12.60 -3.11
N ILE A 270 -4.63 -11.46 -3.67
CA ILE A 270 -4.25 -10.32 -2.85
C ILE A 270 -5.53 -9.63 -2.40
N THR A 271 -5.79 -9.66 -1.09
CA THR A 271 -7.04 -9.16 -0.52
C THR A 271 -6.91 -7.67 -0.22
N GLY A 272 -7.82 -6.88 -0.76
CA GLY A 272 -7.92 -5.48 -0.41
C GLY A 272 -8.16 -4.65 -1.64
N SER A 273 -7.92 -3.36 -1.50
CA SER A 273 -8.12 -2.40 -2.57
C SER A 273 -7.08 -2.56 -3.68
N CYS A 274 -7.26 -1.78 -4.75
CA CYS A 274 -6.32 -1.83 -5.87
C CYS A 274 -4.90 -1.56 -5.42
N GLU A 275 -4.72 -0.56 -4.56
CA GLU A 275 -3.38 -0.14 -4.15
C GLU A 275 -2.85 -0.94 -2.96
N THR A 276 -3.57 -1.97 -2.51
CA THR A 276 -3.08 -2.83 -1.46
C THR A 276 -1.91 -3.68 -1.97
N ASP A 277 -0.78 -3.67 -1.23
CA ASP A 277 0.43 -4.32 -1.71
C ASP A 277 0.26 -5.84 -1.83
N GLY A 278 -0.33 -6.46 -0.83
CA GLY A 278 -0.24 -7.89 -0.69
C GLY A 278 0.90 -8.29 0.23
N THR A 279 0.84 -9.53 0.71
CA THR A 279 1.77 -9.92 1.76
C THR A 279 3.17 -10.20 1.24
N SER A 280 3.29 -10.84 0.07
CA SER A 280 4.61 -11.10 -0.49
C SER A 280 5.07 -9.86 -1.25
N GLY A 281 5.77 -10.03 -2.37
CA GLY A 281 6.15 -8.90 -3.20
C GLY A 281 7.65 -8.65 -3.33
N GLY A 282 8.48 -9.32 -2.53
CA GLY A 282 9.92 -9.16 -2.69
C GLY A 282 10.40 -9.72 -4.01
N GLY A 283 11.35 -9.02 -4.64
CA GLY A 283 11.87 -9.43 -5.94
C GLY A 283 10.97 -8.95 -7.07
N GLY A 284 11.35 -9.30 -8.28
CA GLY A 284 10.55 -8.88 -9.42
C GLY A 284 11.34 -9.01 -10.69
N VAL A 285 10.71 -8.59 -11.78
CA VAL A 285 11.32 -8.63 -13.11
C VAL A 285 10.76 -7.47 -13.92
N LYS A 286 11.59 -6.89 -14.79
CA LYS A 286 11.07 -5.89 -15.71
C LYS A 286 9.96 -6.48 -16.57
N GLY A 287 8.87 -5.74 -16.72
CA GLY A 287 7.73 -6.14 -17.52
C GLY A 287 7.44 -5.12 -18.61
N ALA A 288 6.47 -5.45 -19.44
CA ALA A 288 6.19 -4.65 -20.62
C ALA A 288 4.71 -4.75 -20.98
N PHE A 289 4.28 -3.81 -21.82
CA PHE A 289 2.95 -3.85 -22.38
C PHE A 289 2.99 -3.21 -23.76
N ALA A 290 1.88 -3.35 -24.49
CA ALA A 290 1.67 -2.64 -25.74
C ALA A 290 0.23 -2.18 -25.75
N LEU A 291 -0.16 -1.41 -26.77
CA LEU A 291 -1.48 -0.82 -26.72
C LEU A 291 -1.96 -0.45 -28.11
N SER A 292 -3.27 -0.16 -28.17
CA SER A 292 -3.91 0.50 -29.29
C SER A 292 -4.47 1.82 -28.79
N ARG A 293 -4.35 2.87 -29.60
CA ARG A 293 -4.82 4.17 -29.16
C ARG A 293 -5.24 5.00 -30.37
N THR A 294 -6.10 5.97 -30.10
CA THR A 294 -6.41 7.07 -30.99
C THR A 294 -5.55 8.26 -30.57
N THR A 295 -5.79 9.44 -31.15
CA THR A 295 -5.10 10.62 -30.63
C THR A 295 -5.65 11.03 -29.26
N GLU A 296 -6.84 10.56 -28.88
CA GLU A 296 -7.43 10.97 -27.61
C GLU A 296 -7.36 9.92 -26.51
N ALA A 297 -7.34 8.63 -26.83
CA ALA A 297 -7.43 7.66 -25.75
C ALA A 297 -6.84 6.34 -26.16
N THR A 298 -6.34 5.60 -25.18
CA THR A 298 -5.96 4.22 -25.39
C THR A 298 -7.20 3.32 -25.37
N THR A 299 -7.32 2.44 -26.38
CA THR A 299 -8.52 1.63 -26.53
C THR A 299 -8.32 0.17 -26.17
N GLU A 300 -7.08 -0.28 -26.00
CA GLU A 300 -6.83 -1.66 -25.63
C GLU A 300 -5.38 -1.76 -25.19
N ARG A 301 -5.12 -2.60 -24.22
CA ARG A 301 -3.77 -2.80 -23.73
C ARG A 301 -3.46 -4.28 -23.81
N PHE A 302 -2.19 -4.57 -24.09
CA PHE A 302 -1.67 -5.93 -24.21
C PHE A 302 -0.56 -6.10 -23.21
N TYR A 303 -0.58 -7.20 -22.47
CA TYR A 303 0.38 -7.40 -21.39
C TYR A 303 1.07 -8.74 -21.51
N VAL A 304 2.25 -8.84 -20.89
CA VAL A 304 2.99 -10.08 -20.83
C VAL A 304 3.31 -10.41 -19.37
N ARG A 305 3.37 -11.70 -19.05
CA ARG A 305 3.98 -12.14 -17.79
C ARG A 305 4.54 -13.54 -18.03
N THR A 306 5.34 -14.02 -17.08
CA THR A 306 5.92 -15.34 -17.23
C THR A 306 4.84 -16.42 -17.10
N VAL A 307 5.14 -17.60 -17.65
CA VAL A 307 4.29 -18.77 -17.39
C VAL A 307 4.33 -19.13 -15.91
N SER A 308 5.54 -19.19 -15.34
CA SER A 308 5.73 -19.60 -13.96
C SER A 308 5.44 -18.44 -13.01
N SER A 309 4.79 -18.73 -11.89
CA SER A 309 4.57 -17.70 -10.88
C SER A 309 5.75 -17.57 -9.92
N SER A 310 6.75 -18.43 -10.02
CA SER A 310 7.91 -18.36 -9.14
C SER A 310 9.22 -18.16 -9.87
N ALA A 311 9.34 -18.59 -11.11
CA ALA A 311 10.61 -18.48 -11.82
C ALA A 311 10.43 -17.64 -13.09
N ARG A 312 11.55 -17.09 -13.58
CA ARG A 312 11.52 -16.32 -14.82
C ARG A 312 11.56 -17.31 -15.98
N SER A 313 10.40 -17.92 -16.25
CA SER A 313 10.30 -18.89 -17.35
C SER A 313 8.97 -18.75 -18.07
N GLY A 314 9.03 -18.83 -19.40
CA GLY A 314 7.86 -18.67 -20.23
C GLY A 314 7.43 -17.22 -20.34
N ALA A 315 6.53 -16.99 -21.30
CA ALA A 315 5.88 -15.70 -21.55
C ALA A 315 4.48 -15.96 -22.05
N VAL A 316 3.50 -15.29 -21.43
CA VAL A 316 2.09 -15.43 -21.79
C VAL A 316 1.53 -14.03 -22.08
N PHE A 317 0.80 -13.89 -23.19
CA PHE A 317 0.21 -12.60 -23.54
C PHE A 317 -1.24 -12.52 -23.09
N TYR A 318 -1.64 -11.31 -22.69
CA TYR A 318 -2.99 -11.01 -22.23
C TYR A 318 -3.43 -9.67 -22.83
N LYS A 319 -4.72 -9.36 -22.70
CA LYS A 319 -5.22 -8.10 -23.22
C LYS A 319 -6.41 -7.63 -22.38
N THR A 320 -6.67 -6.33 -22.45
CA THR A 320 -7.83 -5.78 -21.76
C THR A 320 -8.20 -4.44 -22.37
N THR A 321 -9.48 -4.12 -22.31
CA THR A 321 -9.99 -2.80 -22.62
C THR A 321 -10.35 -2.00 -21.37
N ASP A 322 -10.09 -2.55 -20.18
CA ASP A 322 -10.33 -1.85 -18.92
C ASP A 322 -9.19 -0.88 -18.61
N ASP A 323 -9.48 0.07 -17.72
CA ASP A 323 -8.43 0.93 -17.18
C ASP A 323 -7.64 0.15 -16.15
N PRO A 324 -6.35 -0.09 -16.37
CA PRO A 324 -5.62 -1.01 -15.49
C PRO A 324 -5.38 -0.47 -14.09
N THR A 325 -5.58 0.83 -13.86
CA THR A 325 -5.45 1.40 -12.53
C THR A 325 -6.74 1.34 -11.71
N GLU A 326 -7.86 0.93 -12.33
CA GLU A 326 -9.18 0.96 -11.70
C GLU A 326 -9.82 -0.41 -11.55
N SER A 327 -9.70 -1.28 -12.55
CA SER A 327 -10.46 -2.52 -12.62
C SER A 327 -9.63 -3.68 -12.08
N ASN A 328 -10.25 -4.49 -11.23
CA ASN A 328 -9.61 -5.73 -10.79
C ASN A 328 -9.97 -6.93 -11.66
N ASN A 329 -10.65 -6.72 -12.79
CA ASN A 329 -11.04 -7.83 -13.66
C ASN A 329 -9.79 -8.58 -14.13
N PRO A 330 -9.84 -9.91 -14.20
CA PRO A 330 -8.77 -10.66 -14.86
C PRO A 330 -8.56 -10.18 -16.29
N LEU A 331 -7.30 -10.23 -16.74
CA LEU A 331 -7.01 -9.94 -18.14
C LEU A 331 -7.45 -11.12 -19.00
N THR A 332 -7.63 -10.85 -20.29
CA THR A 332 -8.09 -11.86 -21.24
C THR A 332 -6.89 -12.57 -21.85
N LEU A 333 -6.90 -13.90 -21.80
CA LEU A 333 -5.77 -14.68 -22.30
C LEU A 333 -5.66 -14.53 -23.80
N ILE A 334 -4.47 -14.16 -24.26
CA ILE A 334 -4.14 -14.24 -25.68
C ILE A 334 -3.43 -15.54 -26.00
N GLY A 335 -2.38 -15.89 -25.27
CA GLY A 335 -1.75 -17.19 -25.42
C GLY A 335 -0.28 -17.16 -25.04
N THR A 336 0.34 -18.33 -25.14
CA THR A 336 1.71 -18.53 -24.69
C THR A 336 2.67 -18.16 -25.82
N ALA A 337 3.43 -17.09 -25.62
CA ALA A 337 4.46 -16.68 -26.58
C ALA A 337 5.78 -17.42 -26.39
N VAL A 338 6.08 -17.85 -25.17
CA VAL A 338 7.29 -18.64 -24.89
C VAL A 338 6.90 -19.76 -23.94
N GLY A 339 7.19 -21.00 -24.31
CA GLY A 339 6.83 -22.13 -23.46
C GLY A 339 7.46 -22.01 -22.08
N GLY A 340 6.78 -22.62 -21.10
CA GLY A 340 7.18 -22.49 -19.71
C GLY A 340 8.50 -23.16 -19.36
N ALA A 341 9.00 -24.03 -20.21
CA ALA A 341 10.30 -24.63 -19.99
C ALA A 341 11.47 -23.74 -20.42
N ILE A 342 11.19 -22.58 -21.01
CA ILE A 342 12.22 -21.75 -21.63
C ILE A 342 12.44 -20.53 -20.75
N PRO A 343 13.69 -20.25 -20.31
CA PRO A 343 13.95 -19.02 -19.58
C PRO A 343 13.49 -17.78 -20.33
N MET A 344 12.89 -16.87 -19.57
CA MET A 344 12.34 -15.63 -20.12
C MET A 344 12.50 -14.60 -19.02
N TRP A 345 13.35 -13.60 -19.25
CA TRP A 345 13.73 -12.65 -18.21
C TRP A 345 13.03 -11.32 -18.42
N TYR A 346 13.74 -10.30 -18.86
CA TYR A 346 13.10 -9.00 -19.04
C TYR A 346 12.21 -9.00 -20.27
N SER A 347 11.20 -8.13 -20.25
CA SER A 347 10.46 -7.78 -21.45
C SER A 347 10.43 -6.26 -21.52
N PHE A 348 10.23 -5.73 -22.73
CA PHE A 348 10.31 -4.30 -22.92
C PHE A 348 9.28 -3.83 -23.94
N SER A 349 8.70 -2.65 -23.70
CA SER A 349 7.86 -1.97 -24.66
C SER A 349 8.69 -1.16 -25.64
N PHE A 350 8.19 -1.05 -26.87
CA PHE A 350 8.71 -0.02 -27.75
C PHE A 350 7.66 0.31 -28.81
N GLU A 351 7.88 1.44 -29.47
CA GLU A 351 6.96 1.94 -30.48
C GLU A 351 7.71 2.16 -31.78
N ILE A 352 7.10 1.75 -32.89
CA ILE A 352 7.65 2.01 -34.22
C ILE A 352 6.86 3.18 -34.80
N PRO A 353 7.46 4.36 -34.94
CA PRO A 353 6.73 5.47 -35.53
C PRO A 353 6.57 5.26 -37.02
N GLY A 354 5.44 5.74 -37.55
CA GLY A 354 5.15 5.60 -38.95
C GLY A 354 4.69 6.92 -39.53
N LYS A 355 4.68 6.95 -40.86
CA LYS A 355 4.22 8.14 -41.57
C LYS A 355 2.70 8.28 -41.45
N VAL A 356 2.00 7.17 -41.30
CA VAL A 356 0.54 7.18 -41.23
C VAL A 356 0.03 6.79 -39.86
N CYS A 357 0.64 5.80 -39.23
CA CYS A 357 0.21 5.32 -37.93
C CYS A 357 1.42 4.79 -37.20
N ASP A 358 1.33 4.76 -35.88
CA ASP A 358 2.38 4.21 -35.04
C ASP A 358 2.03 2.78 -34.66
N GLN A 359 3.03 2.03 -34.22
CA GLN A 359 2.78 0.64 -33.82
C GLN A 359 3.54 0.32 -32.55
N THR A 360 2.89 -0.31 -31.58
CA THR A 360 3.61 -0.68 -30.37
C THR A 360 3.90 -2.17 -30.36
N CYS A 361 4.95 -2.55 -29.62
CA CYS A 361 5.46 -3.90 -29.65
C CYS A 361 5.98 -4.30 -28.27
N ILE A 362 6.15 -5.60 -28.06
CA ILE A 362 6.82 -6.13 -26.88
C ILE A 362 7.99 -6.99 -27.33
N GLY A 363 9.16 -6.75 -26.73
CA GLY A 363 10.32 -7.58 -26.95
C GLY A 363 10.56 -8.43 -25.71
N LEU A 364 11.17 -9.60 -25.91
CA LEU A 364 11.34 -10.61 -24.87
C LEU A 364 12.82 -10.98 -24.78
N GLU A 365 13.40 -10.83 -23.58
CA GLU A 365 14.77 -11.26 -23.29
C GLU A 365 14.74 -12.74 -22.94
N MET A 366 14.97 -13.60 -23.93
CA MET A 366 14.96 -15.03 -23.67
C MET A 366 16.34 -15.39 -23.15
N GLY A 367 16.45 -15.62 -21.84
CA GLY A 367 17.75 -15.64 -21.22
C GLY A 367 18.52 -16.90 -21.53
N LEU A 368 19.83 -16.76 -21.65
CA LEU A 368 20.72 -17.89 -21.86
C LEU A 368 21.83 -17.80 -20.82
N THR A 369 22.01 -18.84 -20.02
CA THR A 369 23.08 -18.76 -19.04
C THR A 369 23.58 -20.15 -18.67
N MET A 370 24.87 -20.20 -18.35
CA MET A 370 25.51 -21.40 -17.84
C MET A 370 25.30 -21.58 -16.33
N GLY A 371 24.83 -20.54 -15.63
CA GLY A 371 24.46 -20.68 -14.24
C GLY A 371 24.93 -19.51 -13.41
N HIS A 372 24.89 -19.69 -12.09
CA HIS A 372 25.20 -18.62 -11.14
C HIS A 372 26.63 -18.14 -11.32
N GLN A 373 26.78 -16.84 -11.53
CA GLN A 373 28.09 -16.21 -11.79
C GLN A 373 28.85 -16.90 -12.93
N LEU A 374 28.13 -17.37 -13.94
CA LEU A 374 28.73 -17.88 -15.16
C LEU A 374 28.19 -17.10 -16.36
N TRP A 375 28.71 -17.43 -17.54
CA TRP A 375 28.32 -16.77 -18.80
C TRP A 375 26.81 -16.59 -18.88
N THR A 376 26.42 -15.39 -19.33
CA THR A 376 25.02 -14.96 -19.33
C THR A 376 24.77 -14.09 -20.56
N SER A 377 23.71 -14.40 -21.31
CA SER A 377 23.27 -13.51 -22.38
C SER A 377 21.81 -13.84 -22.72
N ASN A 378 21.43 -13.68 -23.98
CA ASN A 378 20.02 -13.81 -24.32
C ASN A 378 19.84 -13.92 -25.83
N SER A 379 18.59 -14.23 -26.20
CA SER A 379 18.01 -14.04 -27.52
C SER A 379 16.82 -13.11 -27.36
N VAL A 380 16.57 -12.25 -28.37
CA VAL A 380 15.49 -11.28 -28.30
C VAL A 380 14.41 -11.66 -29.31
N ALA A 381 13.18 -11.88 -28.83
CA ALA A 381 12.03 -12.10 -29.69
C ALA A 381 11.12 -10.88 -29.63
N VAL A 382 10.53 -10.52 -30.77
CA VAL A 382 9.75 -9.29 -30.90
C VAL A 382 8.36 -9.63 -31.40
N TYR A 383 7.33 -9.15 -30.68
CA TYR A 383 5.93 -9.29 -31.05
C TYR A 383 5.29 -7.91 -31.13
N CYS A 384 4.46 -7.68 -32.14
CA CYS A 384 3.84 -6.37 -32.33
C CYS A 384 2.34 -6.49 -32.43
N VAL A 385 1.66 -5.36 -32.20
CA VAL A 385 0.20 -5.27 -32.20
C VAL A 385 -0.29 -5.28 -33.64
N ILE A 386 -0.95 -6.37 -34.03
CA ILE A 386 -1.39 -6.63 -35.40
C ILE A 386 -2.21 -7.92 -35.38
N GLY A 387 -3.17 -8.06 -36.30
CA GLY A 387 -3.89 -9.30 -36.48
C GLY A 387 -4.90 -9.56 -35.39
N ASP A 388 -5.37 -10.80 -35.31
CA ASP A 388 -6.43 -11.16 -34.37
C ASP A 388 -6.07 -12.28 -33.42
N ASN A 389 -4.99 -13.03 -33.67
CA ASN A 389 -4.61 -14.12 -32.80
C ASN A 389 -3.11 -14.24 -32.80
N LEU A 390 -2.56 -14.71 -31.68
CA LEU A 390 -1.15 -15.05 -31.61
C LEU A 390 -0.81 -16.08 -32.67
N ASP A 391 0.26 -15.84 -33.43
CA ASP A 391 0.60 -16.71 -34.54
C ASP A 391 1.44 -17.91 -34.12
N TRP A 392 2.50 -17.69 -33.33
CA TRP A 392 3.39 -18.78 -32.92
C TRP A 392 4.18 -18.37 -31.69
N ASP A 393 4.64 -19.37 -30.95
CA ASP A 393 5.53 -19.15 -29.83
C ASP A 393 6.98 -19.18 -30.31
N SER A 394 7.88 -18.66 -29.48
CA SER A 394 9.30 -18.57 -29.81
C SER A 394 10.12 -19.51 -28.94
N THR A 395 11.19 -20.04 -29.53
CA THR A 395 12.18 -20.87 -28.84
C THR A 395 13.56 -20.29 -29.12
N THR A 396 14.57 -20.73 -28.37
CA THR A 396 15.93 -20.33 -28.72
C THR A 396 16.71 -21.42 -29.43
N ASP A 397 16.49 -22.69 -29.04
CA ASP A 397 17.32 -23.81 -29.54
C ASP A 397 18.80 -23.52 -29.34
N VAL A 398 19.12 -22.85 -28.24
CA VAL A 398 20.50 -22.65 -27.82
C VAL A 398 20.64 -23.38 -26.50
N VAL A 399 21.62 -24.27 -26.43
CA VAL A 399 21.96 -24.95 -25.19
C VAL A 399 23.22 -24.31 -24.65
N PRO A 400 23.18 -23.57 -23.53
CA PRO A 400 24.38 -22.89 -23.04
C PRO A 400 25.59 -23.81 -22.92
N ALA A 401 25.38 -25.08 -22.58
CA ALA A 401 26.48 -26.03 -22.53
C ALA A 401 27.27 -26.09 -23.83
N ASP A 402 26.60 -25.85 -24.98
CA ASP A 402 27.24 -25.89 -26.29
C ASP A 402 28.04 -24.62 -26.61
N ILE A 403 27.87 -23.54 -25.86
CA ILE A 403 28.58 -22.30 -26.18
C ILE A 403 30.05 -22.47 -25.86
N VAL A 404 30.92 -22.13 -26.82
CA VAL A 404 32.33 -22.45 -26.71
C VAL A 404 33.17 -21.30 -26.15
N GLU B 16 5.61 -10.59 36.39
CA GLU B 16 6.52 -10.04 35.40
C GLU B 16 5.74 -9.26 34.32
N TRP B 17 5.37 -9.94 33.24
CA TRP B 17 4.62 -9.31 32.17
C TRP B 17 3.12 -9.24 32.50
N ARG B 18 2.43 -8.34 31.82
CA ARG B 18 0.97 -8.34 31.86
CA ARG B 18 0.97 -8.32 31.84
C ARG B 18 0.43 -9.56 31.14
N PHE B 19 -0.63 -10.16 31.70
CA PHE B 19 -1.34 -11.26 31.08
C PHE B 19 -2.77 -11.25 31.59
N PRO B 20 -3.72 -11.83 30.85
CA PRO B 20 -5.13 -11.72 31.25
C PRO B 20 -5.45 -12.64 32.42
N LYS B 21 -6.07 -12.07 33.45
CA LYS B 21 -6.62 -12.82 34.58
C LYS B 21 -8.14 -12.95 34.44
N SER B 22 -8.70 -13.83 35.25
CA SER B 22 -10.15 -13.90 35.39
C SER B 22 -10.67 -12.54 35.87
N THR B 23 -11.87 -12.16 35.41
CA THR B 23 -12.38 -10.84 35.72
C THR B 23 -13.10 -10.80 37.08
N CYS B 24 -13.11 -9.60 37.66
CA CYS B 24 -13.83 -9.40 38.92
C CYS B 24 -15.31 -9.68 38.70
N PRO B 25 -16.00 -10.24 39.71
CA PRO B 25 -17.42 -10.61 39.51
C PRO B 25 -18.26 -9.39 39.19
N GLY B 26 -19.19 -9.58 38.27
CA GLY B 26 -20.00 -8.49 37.77
C GLY B 26 -20.90 -9.00 36.68
N ARG B 27 -22.13 -8.49 36.61
CA ARG B 27 -23.16 -8.99 35.72
C ARG B 27 -23.88 -7.86 35.00
N SER B 28 -23.31 -6.65 35.03
CA SER B 28 -23.93 -5.49 34.42
C SER B 28 -22.86 -4.44 34.21
N LEU B 29 -23.29 -3.24 33.84
CA LEU B 29 -22.40 -2.08 33.71
C LEU B 29 -22.93 -0.99 34.62
N GLN B 30 -22.03 -0.39 35.40
CA GLN B 30 -22.37 0.70 36.29
C GLN B 30 -21.32 1.81 36.16
N LYS B 31 -21.77 3.03 36.43
CA LYS B 31 -20.94 4.20 36.14
C LYS B 31 -19.76 4.27 37.10
N MET B 32 -18.57 4.50 36.56
CA MET B 32 -17.42 4.85 37.39
C MET B 32 -17.35 6.37 37.55
N LEU B 33 -17.01 7.08 36.48
CA LEU B 33 -16.79 8.51 36.58
C LEU B 33 -17.05 9.15 35.22
N GLN B 34 -16.94 10.48 35.18
CA GLN B 34 -17.07 11.21 33.94
C GLN B 34 -16.13 12.43 33.99
N LEU B 35 -15.47 12.69 32.87
CA LEU B 35 -14.61 13.85 32.66
C LEU B 35 -15.31 14.80 31.70
N ASN B 36 -15.34 16.08 32.05
CA ASN B 36 -16.16 17.03 31.30
C ASN B 36 -15.45 18.37 31.25
N PRO B 37 -14.27 18.44 30.62
CA PRO B 37 -13.45 19.65 30.74
C PRO B 37 -14.14 20.92 30.29
N HIS B 38 -14.99 20.84 29.29
CA HIS B 38 -15.51 22.08 28.74
C HIS B 38 -16.67 22.64 29.54
N ARG B 39 -17.09 21.96 30.63
CA ARG B 39 -17.87 22.65 31.67
C ARG B 39 -17.13 23.88 32.16
N HIS B 40 -15.82 23.88 32.04
CA HIS B 40 -14.93 24.93 32.53
C HIS B 40 -14.50 25.91 31.45
N ALA B 41 -15.16 25.92 30.30
CA ALA B 41 -14.78 26.77 29.18
C ALA B 41 -15.85 27.79 28.85
N THR B 42 -16.62 28.20 29.86
CA THR B 42 -17.70 29.14 29.70
C THR B 42 -17.24 30.55 30.05
N ALA B 43 -18.14 31.52 29.85
CA ALA B 43 -17.83 32.90 30.19
C ALA B 43 -17.45 33.01 31.66
N GLY B 44 -16.37 33.74 31.93
CA GLY B 44 -15.90 33.92 33.27
C GLY B 44 -14.94 32.84 33.75
N SER B 45 -14.89 31.68 33.10
CA SER B 45 -14.03 30.61 33.57
C SER B 45 -12.55 30.95 33.35
N GLN B 46 -11.67 30.26 34.09
CA GLN B 46 -10.25 30.57 34.17
C GLN B 46 -9.37 29.40 33.73
N ALA B 47 -9.92 28.48 32.95
CA ALA B 47 -9.28 27.22 32.63
C ALA B 47 -8.91 27.15 31.16
N ALA B 48 -7.73 26.59 30.89
CA ALA B 48 -7.30 26.25 29.54
C ALA B 48 -7.65 24.78 29.31
N THR B 49 -8.83 24.53 28.73
CA THR B 49 -9.30 23.17 28.53
C THR B 49 -8.80 22.64 27.17
N ILE B 50 -8.75 21.31 27.04
CA ILE B 50 -8.13 20.70 25.86
C ILE B 50 -9.17 20.06 24.95
N PRO B 51 -9.58 20.73 23.87
CA PRO B 51 -10.53 20.10 22.94
C PRO B 51 -9.86 18.92 22.26
N ASN B 52 -10.64 17.86 22.05
CA ASN B 52 -10.02 16.61 21.60
C ASN B 52 -11.10 15.70 21.03
N ARG B 53 -10.65 14.66 20.32
CA ARG B 53 -11.54 13.61 19.84
C ARG B 53 -10.78 12.29 19.82
N GLU B 54 -11.53 11.21 19.61
CA GLU B 54 -11.01 9.84 19.72
C GLU B 54 -10.32 9.58 21.05
N PRO B 55 -10.99 9.81 22.18
CA PRO B 55 -10.38 9.49 23.48
C PRO B 55 -10.49 8.00 23.76
N PHE B 56 -9.61 7.54 24.63
CA PHE B 56 -9.69 6.18 25.14
C PHE B 56 -8.92 6.12 26.45
N ILE B 57 -9.00 4.97 27.10
CA ILE B 57 -8.33 4.78 28.39
C ILE B 57 -7.48 3.52 28.29
N SER B 58 -6.31 3.57 28.88
CA SER B 58 -5.46 2.39 29.03
C SER B 58 -4.81 2.46 30.40
N CYS B 59 -4.48 1.29 30.95
CA CYS B 59 -4.02 1.22 32.33
C CYS B 59 -2.78 0.35 32.45
N SER B 60 -1.92 0.72 33.39
CA SER B 60 -0.92 -0.18 33.94
C SER B 60 -1.41 -0.68 35.29
N GLN B 61 -0.60 -1.51 35.95
CA GLN B 61 -0.92 -1.89 37.32
C GLN B 61 -0.81 -0.72 38.29
N ASP B 62 -0.09 0.34 37.89
CA ASP B 62 0.12 1.52 38.72
C ASP B 62 -0.90 2.62 38.49
N GLU B 63 -1.40 2.75 37.26
CA GLU B 63 -2.18 3.93 36.94
C GLU B 63 -3.01 3.67 35.70
N CYS B 64 -4.19 4.28 35.66
CA CYS B 64 -4.96 4.40 34.43
C CYS B 64 -4.75 5.80 33.86
N ARG B 65 -4.82 5.89 32.53
CA ARG B 65 -4.65 7.15 31.82
C ARG B 65 -5.74 7.33 30.76
N LEU B 66 -6.20 8.57 30.65
CA LEU B 66 -7.10 8.98 29.56
C LEU B 66 -6.23 9.50 28.42
N PHE B 67 -6.20 8.77 27.30
CA PHE B 67 -5.49 9.15 26.09
C PHE B 67 -6.47 9.81 25.13
N THR B 68 -5.98 10.76 24.34
CA THR B 68 -6.82 11.31 23.29
C THR B 68 -5.93 11.98 22.24
N LEU B 69 -6.57 12.43 21.16
CA LEU B 69 -5.89 13.11 20.06
C LEU B 69 -6.24 14.58 20.12
N ASP B 70 -5.25 15.42 20.38
CA ASP B 70 -5.54 16.82 20.58
C ASP B 70 -5.33 17.59 19.27
N HIS B 71 -5.35 18.92 19.35
CA HIS B 71 -5.18 19.76 18.18
C HIS B 71 -4.17 20.88 18.47
N ASP B 72 -3.30 20.70 19.47
CA ASP B 72 -2.25 21.67 19.73
C ASP B 72 -2.86 23.03 20.07
N VAL B 73 -3.90 23.00 20.91
CA VAL B 73 -4.66 24.22 21.23
C VAL B 73 -5.50 23.97 22.48
N SER B 74 -5.85 25.05 23.17
CA SER B 74 -6.78 24.96 24.28
C SER B 74 -8.00 25.84 24.00
N THR B 75 -9.08 25.53 24.70
CA THR B 75 -10.34 26.26 24.61
C THR B 75 -10.66 26.89 25.96
N PRO B 76 -10.96 28.19 26.01
CA PRO B 76 -11.06 29.16 24.92
C PRO B 76 -9.71 29.49 24.30
N GLY B 77 -9.73 29.95 23.06
CA GLY B 77 -8.53 30.36 22.37
C GLY B 77 -8.80 30.59 20.90
N ALA B 78 -8.00 31.42 20.24
CA ALA B 78 -8.34 31.83 18.88
C ALA B 78 -8.18 30.70 17.86
N TYR B 79 -7.31 29.74 18.12
CA TYR B 79 -7.00 28.71 17.14
C TYR B 79 -7.86 27.46 17.30
N ASP B 80 -8.84 27.43 18.21
CA ASP B 80 -9.49 26.16 18.48
C ASP B 80 -10.59 25.82 17.47
N GLY B 81 -10.72 26.59 16.39
CA GLY B 81 -11.69 26.26 15.36
C GLY B 81 -11.30 25.13 14.45
N ILE B 82 -10.06 24.61 14.57
CA ILE B 82 -9.62 23.48 13.74
C ILE B 82 -9.96 22.14 14.37
N THR B 83 -10.67 22.12 15.51
CA THR B 83 -10.80 20.89 16.26
C THR B 83 -11.75 19.88 15.62
N TRP B 84 -12.41 20.25 14.52
CA TRP B 84 -13.18 19.31 13.73
C TRP B 84 -12.32 18.44 12.82
N GLU B 85 -11.06 18.81 12.56
CA GLU B 85 -10.28 18.09 11.56
C GLU B 85 -9.89 16.69 12.01
N ASP B 86 -9.95 15.75 11.06
CA ASP B 86 -9.55 14.38 11.35
C ASP B 86 -8.04 14.23 11.41
N ARG B 87 -7.32 14.83 10.46
CA ARG B 87 -5.89 14.62 10.30
C ARG B 87 -5.25 15.96 9.98
N SER B 88 -4.11 16.23 10.62
CA SER B 88 -3.38 17.46 10.37
C SER B 88 -2.01 17.32 11.01
N LYS B 89 -1.17 18.32 10.76
CA LYS B 89 0.14 18.39 11.39
C LYS B 89 0.06 18.90 12.83
N ARG B 90 -1.14 19.24 13.33
CA ARG B 90 -1.28 19.75 14.69
C ARG B 90 -1.54 18.66 15.71
N ARG B 91 -2.18 17.57 15.30
CA ARG B 91 -2.70 16.61 16.26
C ARG B 91 -1.60 15.77 16.89
N ARG B 92 -1.80 15.44 18.17
CA ARG B 92 -0.87 14.62 18.93
C ARG B 92 -1.66 13.66 19.80
N LEU B 93 -1.08 12.49 20.04
CA LEU B 93 -1.56 11.60 21.09
C LEU B 93 -1.06 12.14 22.43
N VAL B 94 -2.00 12.52 23.29
CA VAL B 94 -1.69 13.07 24.60
C VAL B 94 -2.47 12.24 25.61
N SER B 95 -2.12 12.39 26.89
CA SER B 95 -2.86 11.71 27.93
C SER B 95 -2.83 12.49 29.24
N PHE B 96 -3.69 12.07 30.16
CA PHE B 96 -3.92 12.66 31.46
C PHE B 96 -4.05 11.50 32.43
N PRO B 97 -3.51 11.59 33.65
CA PRO B 97 -3.89 10.60 34.68
C PRO B 97 -5.41 10.54 34.76
N LEU B 98 -5.94 9.31 34.83
CA LEU B 98 -7.40 9.15 34.82
C LEU B 98 -8.00 9.77 36.07
N GLY B 99 -8.92 10.71 35.88
CA GLY B 99 -9.46 11.49 36.98
C GLY B 99 -8.93 12.90 37.06
N SER B 100 -7.83 13.20 36.38
CA SER B 100 -7.41 14.58 36.19
C SER B 100 -8.29 15.19 35.11
N GLU B 101 -8.69 16.44 35.29
CA GLU B 101 -9.50 17.01 34.23
C GLU B 101 -8.59 17.44 33.07
N LEU B 102 -9.20 17.63 31.90
CA LEU B 102 -8.41 17.74 30.67
C LEU B 102 -8.01 19.20 30.46
N THR B 103 -6.99 19.62 31.18
CA THR B 103 -6.49 20.99 31.13
C THR B 103 -5.05 21.00 30.62
N LEU B 104 -4.60 22.20 30.23
CA LEU B 104 -3.30 22.30 29.58
C LEU B 104 -2.17 21.82 30.49
N ASP B 105 -2.20 22.21 31.79
CA ASP B 105 -1.12 21.80 32.69
C ASP B 105 -1.16 20.31 33.05
N ASN B 106 -2.32 19.65 32.97
CA ASN B 106 -2.40 18.22 33.25
C ASN B 106 -1.99 17.35 32.06
N MET B 107 -1.87 17.93 30.87
CA MET B 107 -1.65 17.17 29.64
C MET B 107 -0.22 16.68 29.53
N LYS B 108 -0.06 15.46 29.01
CA LYS B 108 1.25 14.92 28.67
C LYS B 108 1.23 14.50 27.21
N VAL B 109 2.16 15.05 26.42
CA VAL B 109 2.25 14.78 24.99
C VAL B 109 3.16 13.58 24.75
N HIS B 110 2.69 12.61 23.97
CA HIS B 110 3.49 11.41 23.69
C HIS B 110 4.04 11.38 22.27
N LEU B 111 3.19 11.57 21.26
CA LEU B 111 3.60 11.41 19.86
C LEU B 111 2.72 12.27 18.98
N SER B 112 3.33 12.98 18.04
CA SER B 112 2.56 13.64 17.00
C SER B 112 1.88 12.58 16.12
N GLY B 113 0.69 12.91 15.65
CA GLY B 113 -0.03 12.01 14.77
C GLY B 113 -1.52 12.15 14.97
N TRP B 114 -2.28 11.49 14.07
CA TRP B 114 -3.72 11.72 14.00
C TRP B 114 -4.55 10.44 14.08
N SER B 115 -3.95 9.34 14.49
CA SER B 115 -4.63 8.08 14.78
C SER B 115 -3.76 7.38 15.83
N GLY B 116 -4.37 6.82 16.88
CA GLY B 116 -3.59 6.45 18.03
C GLY B 116 -4.05 5.17 18.70
N THR B 117 -3.11 4.61 19.47
CA THR B 117 -3.36 3.49 20.37
C THR B 117 -2.23 3.52 21.41
N ALA B 118 -2.43 2.81 22.51
CA ALA B 118 -1.44 2.69 23.58
C ALA B 118 -1.79 1.51 24.47
N CYS B 119 -0.78 0.92 25.09
CA CYS B 119 -1.01 -0.21 25.99
C CYS B 119 0.27 -0.50 26.75
N HIS B 120 0.10 -0.96 27.98
CA HIS B 120 1.18 -1.23 28.90
C HIS B 120 1.39 -2.74 28.99
N ASP B 121 2.63 -3.18 28.86
CA ASP B 121 2.90 -4.62 28.83
C ASP B 121 3.31 -5.17 30.19
N GLY B 122 3.20 -4.36 31.24
CA GLY B 122 3.66 -4.72 32.56
C GLY B 122 4.97 -4.06 32.95
N LYS B 123 5.77 -3.65 31.96
CA LYS B 123 7.02 -2.94 32.21
C LYS B 123 6.99 -1.49 31.74
N GLU B 124 6.57 -1.25 30.50
CA GLU B 124 6.58 0.08 29.92
C GLU B 124 5.33 0.28 29.08
N TRP B 125 5.01 1.55 28.87
CA TRP B 125 4.01 1.92 27.89
C TRP B 125 4.52 1.74 26.47
N THR B 126 3.67 1.21 25.61
CA THR B 126 3.81 1.34 24.17
C THR B 126 2.77 2.34 23.73
N TYR B 127 3.22 3.40 23.05
CA TYR B 127 2.34 4.38 22.43
C TYR B 127 2.55 4.31 20.93
N ALA B 128 1.48 4.45 20.17
CA ALA B 128 1.63 4.37 18.73
C ALA B 128 0.68 5.36 18.09
N THR B 129 1.20 6.13 17.14
CA THR B 129 0.37 6.98 16.30
C THR B 129 0.77 6.79 14.85
N VAL B 130 -0.15 7.15 13.96
CA VAL B 130 0.16 7.31 12.55
C VAL B 130 0.28 8.80 12.28
N ASN B 131 1.33 9.16 11.54
CA ASN B 131 1.69 10.52 11.19
C ASN B 131 2.00 10.55 9.70
N GLY B 132 1.86 11.71 9.08
CA GLY B 132 2.27 11.86 7.71
C GLY B 132 1.13 12.16 6.77
N PRO B 133 1.42 12.29 5.47
CA PRO B 133 0.36 12.53 4.50
C PRO B 133 -0.45 11.27 4.24
N ASP B 134 -1.65 11.46 3.69
CA ASP B 134 -2.59 10.36 3.51
C ASP B 134 -2.02 9.22 2.68
N ASN B 135 -1.21 9.54 1.66
CA ASN B 135 -0.73 8.48 0.77
C ASN B 135 0.60 7.87 1.24
N SER B 136 1.19 8.38 2.31
CA SER B 136 2.50 7.89 2.76
C SER B 136 2.59 7.98 4.28
N ALA B 137 1.56 7.52 4.96
CA ALA B 137 1.53 7.64 6.41
C ALA B 137 2.43 6.59 7.04
N VAL B 138 2.95 6.91 8.22
CA VAL B 138 3.86 6.03 8.93
C VAL B 138 3.40 5.93 10.38
N MET B 139 3.25 4.70 10.86
CA MET B 139 3.06 4.48 12.28
C MET B 139 4.41 4.45 12.99
N ARG B 140 4.54 5.22 14.06
CA ARG B 140 5.71 5.16 14.93
C ARG B 140 5.29 4.60 16.29
N LEU B 141 6.11 3.72 16.85
CA LEU B 141 5.81 3.09 18.12
C LEU B 141 6.87 3.51 19.13
N LYS B 142 6.41 4.07 20.24
CA LYS B 142 7.27 4.59 21.29
C LYS B 142 7.14 3.66 22.48
N TYR B 143 8.29 3.18 22.98
CA TYR B 143 8.34 2.26 24.11
C TYR B 143 9.06 2.99 25.23
N GLY B 144 8.34 3.32 26.30
CA GLY B 144 8.89 4.24 27.28
C GLY B 144 9.14 5.58 26.62
N ASP B 145 10.40 5.99 26.55
CA ASP B 145 10.77 7.29 26.02
C ASP B 145 11.32 7.23 24.60
N GLN B 146 11.55 6.05 24.06
CA GLN B 146 12.23 5.88 22.78
C GLN B 146 11.26 5.45 21.68
N ILE B 147 11.49 5.93 20.46
CA ILE B 147 10.76 5.41 19.31
C ILE B 147 11.46 4.13 18.89
N ARG B 148 10.83 2.99 19.13
CA ARG B 148 11.44 1.70 18.85
C ARG B 148 10.92 1.05 17.57
N GLY B 149 9.75 1.45 17.09
CA GLY B 149 9.12 0.78 15.97
C GLY B 149 8.64 1.78 14.94
N SER B 150 8.60 1.31 13.69
CA SER B 150 8.12 2.14 12.60
C SER B 150 7.50 1.20 11.57
N PHE B 151 6.30 1.54 11.11
CA PHE B 151 5.53 0.70 10.21
C PHE B 151 4.91 1.56 9.11
N PRO B 152 5.31 1.38 7.85
CA PRO B 152 4.81 2.24 6.78
C PRO B 152 3.51 1.74 6.14
N SER B 153 2.82 2.67 5.47
CA SER B 153 1.61 2.35 4.73
C SER B 153 1.83 1.20 3.75
N TYR B 154 0.86 0.27 3.68
CA TYR B 154 0.88 -0.85 2.75
C TYR B 154 -0.21 -0.78 1.70
N ALA B 155 -1.14 0.15 1.82
CA ALA B 155 -2.20 0.31 0.84
C ALA B 155 -2.34 1.74 0.34
N ASN B 156 -1.43 2.63 0.72
CA ASN B 156 -1.35 3.96 0.10
C ASN B 156 -2.57 4.81 0.40
N ASN B 157 -3.27 4.58 1.52
CA ASN B 157 -4.46 5.39 1.79
C ASN B 157 -4.79 5.41 3.29
N ILE B 158 -4.18 6.35 4.00
CA ILE B 158 -4.50 6.64 5.41
C ILE B 158 -4.35 5.40 6.27
N LEU B 159 -3.12 4.90 6.39
CA LEU B 159 -2.83 3.92 7.44
C LEU B 159 -3.35 4.45 8.77
N ARG B 160 -4.03 3.59 9.53
CA ARG B 160 -4.75 4.07 10.70
C ARG B 160 -4.95 2.92 11.66
N THR B 161 -5.23 3.25 12.92
CA THR B 161 -5.27 2.24 13.97
C THR B 161 -6.53 2.43 14.84
N GLN B 162 -6.48 1.88 16.06
CA GLN B 162 -7.71 1.51 16.76
C GLN B 162 -8.47 2.69 17.36
N GLU B 163 -7.77 3.75 17.79
CA GLU B 163 -8.37 4.80 18.64
C GLU B 163 -8.89 4.22 19.96
N SER B 164 -8.31 3.11 20.40
CA SER B 164 -8.48 2.59 21.75
C SER B 164 -7.26 1.72 22.06
N GLU B 165 -7.19 1.23 23.29
CA GLU B 165 -5.97 0.58 23.75
C GLU B 165 -5.69 -0.72 22.97
N CYS B 166 -4.41 -0.99 22.77
CA CYS B 166 -4.00 -2.29 22.29
C CYS B 166 -3.94 -3.27 23.47
N VAL B 167 -3.60 -4.51 23.18
CA VAL B 167 -3.62 -5.58 24.18
C VAL B 167 -2.24 -6.20 24.23
N CYS B 168 -1.68 -6.33 25.43
CA CYS B 168 -0.37 -6.94 25.65
C CYS B 168 -0.54 -8.21 26.46
N ILE B 169 0.14 -9.29 26.04
CA ILE B 169 0.10 -10.56 26.73
C ILE B 169 1.51 -11.13 26.70
N ASP B 170 2.08 -11.38 27.88
CA ASP B 170 3.38 -12.06 28.00
C ASP B 170 4.48 -11.33 27.23
N GLY B 171 4.48 -10.00 27.29
CA GLY B 171 5.56 -9.22 26.72
C GLY B 171 5.40 -8.81 25.28
N LYS B 172 4.35 -9.27 24.60
CA LYS B 172 4.08 -8.86 23.23
C LYS B 172 2.74 -8.14 23.21
N CYS B 173 2.68 -7.07 22.42
CA CYS B 173 1.46 -6.30 22.28
C CYS B 173 0.90 -6.47 20.88
N TYR B 174 -0.42 -6.37 20.77
CA TYR B 174 -1.15 -6.66 19.55
C TYR B 174 -1.96 -5.43 19.18
N ILE B 175 -1.68 -4.88 18.01
CA ILE B 175 -2.27 -3.65 17.51
C ILE B 175 -2.96 -3.98 16.18
N ILE B 176 -4.21 -3.55 16.02
CA ILE B 176 -4.89 -3.70 14.73
C ILE B 176 -4.71 -2.41 13.96
N VAL B 177 -4.24 -2.52 12.72
CA VAL B 177 -4.14 -1.39 11.81
C VAL B 177 -4.91 -1.74 10.55
N ILE B 178 -5.24 -0.70 9.77
CA ILE B 178 -5.89 -0.88 8.48
C ILE B 178 -5.38 0.20 7.56
N ASP B 179 -5.51 -0.03 6.26
CA ASP B 179 -4.97 0.85 5.23
C ASP B 179 -5.79 0.57 3.99
N GLY B 180 -6.22 1.63 3.33
CA GLY B 180 -7.09 1.48 2.19
C GLY B 180 -8.28 2.42 2.28
N PRO B 181 -9.11 2.40 1.24
CA PRO B 181 -10.28 3.30 1.16
C PRO B 181 -11.26 3.03 2.30
N ALA B 182 -11.66 4.11 2.98
CA ALA B 182 -12.65 3.98 4.03
C ALA B 182 -14.02 3.61 3.47
N GLY B 183 -14.25 3.81 2.18
CA GLY B 183 -15.51 3.47 1.56
C GLY B 183 -15.51 2.17 0.80
N GLY B 184 -14.49 1.34 0.95
CA GLY B 184 -14.42 0.13 0.16
C GLY B 184 -13.64 -0.96 0.86
N THR B 185 -13.09 -1.90 0.08
CA THR B 185 -12.35 -3.01 0.66
C THR B 185 -11.04 -2.51 1.25
N ALA B 186 -10.84 -2.79 2.54
CA ALA B 186 -9.62 -2.41 3.23
C ALA B 186 -9.33 -3.52 4.22
N THR B 187 -8.17 -4.15 4.10
CA THR B 187 -8.00 -5.34 4.91
C THR B 187 -7.19 -5.01 6.16
N PRO B 188 -7.70 -5.36 7.34
CA PRO B 188 -6.94 -5.10 8.57
C PRO B 188 -5.81 -6.08 8.75
N LYS B 189 -4.84 -5.65 9.54
CA LYS B 189 -3.66 -6.43 9.84
C LYS B 189 -3.41 -6.34 11.34
N VAL B 190 -2.89 -7.41 11.93
CA VAL B 190 -2.47 -7.40 13.33
C VAL B 190 -0.96 -7.20 13.38
N LEU B 191 -0.51 -6.15 14.07
CA LEU B 191 0.92 -5.97 14.34
C LEU B 191 1.26 -6.58 15.69
N VAL B 192 2.36 -7.32 15.74
CA VAL B 192 2.87 -7.90 16.97
C VAL B 192 4.11 -7.14 17.36
N THR B 193 4.10 -6.53 18.54
CA THR B 193 5.20 -5.67 18.95
C THR B 193 5.88 -6.25 20.17
N ARG B 194 7.15 -5.95 20.29
CA ARG B 194 7.95 -6.33 21.45
C ARG B 194 8.85 -5.17 21.77
N GLU B 195 8.67 -4.57 22.94
CA GLU B 195 9.36 -3.33 23.28
C GLU B 195 9.20 -2.29 22.18
N GLY B 196 7.99 -2.19 21.63
CA GLY B 196 7.69 -1.23 20.59
C GLY B 196 8.14 -1.60 19.19
N GLU B 197 9.00 -2.61 19.03
CA GLU B 197 9.41 -3.05 17.69
C GLU B 197 8.33 -3.95 17.09
N VAL B 198 7.98 -3.70 15.82
CA VAL B 198 7.07 -4.60 15.10
C VAL B 198 7.87 -5.84 14.72
N THR B 199 7.62 -6.94 15.41
CA THR B 199 8.36 -8.17 15.18
C THR B 199 7.66 -9.11 14.21
N SER B 200 6.34 -9.02 14.06
CA SER B 200 5.67 -9.82 13.04
C SER B 200 4.34 -9.16 12.71
N GLU B 201 3.79 -9.54 11.57
CA GLU B 201 2.41 -9.22 11.21
C GLU B 201 1.60 -10.50 11.15
N ILE B 202 0.38 -10.46 11.67
CA ILE B 202 -0.56 -11.57 11.57
C ILE B 202 -1.62 -11.19 10.53
N ILE B 203 -1.79 -12.04 9.52
CA ILE B 203 -2.78 -11.84 8.47
C ILE B 203 -4.16 -12.22 9.00
N VAL B 204 -5.14 -11.34 8.79
CA VAL B 204 -6.51 -11.64 9.20
C VAL B 204 -7.18 -12.42 8.08
N THR B 205 -7.54 -13.68 8.37
CA THR B 205 -8.23 -14.52 7.41
C THR B 205 -9.74 -14.41 7.60
N GLY B 206 -10.49 -15.16 6.81
CA GLY B 206 -11.94 -15.21 6.99
C GLY B 206 -12.61 -13.96 6.43
N ARG B 207 -13.54 -13.42 7.20
CA ARG B 207 -14.29 -12.23 6.79
C ARG B 207 -13.42 -11.02 7.09
N ASN B 208 -12.66 -10.58 6.08
CA ASN B 208 -11.55 -9.68 6.31
C ASN B 208 -11.54 -8.49 5.35
N LYS B 209 -12.67 -8.12 4.77
CA LYS B 209 -12.68 -7.06 3.78
C LYS B 209 -12.83 -5.68 4.40
N MET B 210 -12.92 -5.60 5.72
CA MET B 210 -13.05 -4.33 6.44
C MET B 210 -12.76 -4.60 7.91
N GLY B 211 -12.58 -3.51 8.68
CA GLY B 211 -12.37 -3.63 10.11
C GLY B 211 -11.69 -2.41 10.69
N GLU B 212 -12.41 -1.29 10.78
CA GLU B 212 -11.86 -0.05 11.31
C GLU B 212 -11.95 -0.02 12.82
N GLU B 213 -11.00 0.69 13.44
CA GLU B 213 -11.15 1.19 14.80
C GLU B 213 -11.56 0.10 15.79
N CYS B 214 -10.81 -1.00 15.79
CA CYS B 214 -11.18 -2.13 16.62
C CYS B 214 -11.01 -1.81 18.11
N SER B 215 -12.00 -2.24 18.90
CA SER B 215 -11.91 -2.27 20.35
C SER B 215 -11.64 -3.72 20.74
N CYS B 216 -10.52 -3.95 21.44
CA CYS B 216 -10.01 -5.29 21.65
C CYS B 216 -9.85 -5.60 23.14
N LEU B 217 -10.24 -6.81 23.51
CA LEU B 217 -10.08 -7.30 24.88
C LEU B 217 -9.67 -8.77 24.82
N ALA B 218 -8.82 -9.17 25.75
CA ALA B 218 -8.53 -10.59 25.90
C ALA B 218 -9.81 -11.32 26.31
N THR B 219 -10.07 -12.46 25.66
CA THR B 219 -11.22 -13.30 26.02
C THR B 219 -10.84 -14.44 26.94
N ASN B 220 -9.55 -14.74 27.05
CA ASN B 220 -9.04 -15.63 28.10
C ASN B 220 -7.53 -15.42 28.18
N ARG B 221 -6.82 -16.44 28.65
CA ARG B 221 -5.38 -16.30 28.91
C ARG B 221 -4.57 -16.03 27.65
N THR B 222 -5.03 -16.49 26.48
CA THR B 222 -4.20 -16.42 25.28
C THR B 222 -4.90 -15.89 24.04
N TRP B 223 -6.20 -15.58 24.11
CA TRP B 223 -6.94 -15.12 22.95
C TRP B 223 -7.46 -13.71 23.17
N ILE B 224 -7.56 -12.95 22.07
CA ILE B 224 -8.07 -11.60 22.04
C ILE B 224 -9.25 -11.54 21.08
N GLU B 225 -10.25 -10.73 21.40
CA GLU B 225 -11.39 -10.50 20.53
C GLU B 225 -11.56 -9.00 20.30
N CYS B 226 -11.71 -8.61 19.04
CA CYS B 226 -11.82 -7.21 18.66
C CYS B 226 -13.17 -6.95 17.99
N LEU B 227 -13.84 -5.89 18.41
CA LEU B 227 -15.10 -5.46 17.84
C LEU B 227 -14.85 -4.20 17.01
N CYS B 228 -15.13 -4.27 15.70
CA CYS B 228 -14.65 -3.23 14.80
C CYS B 228 -15.82 -2.54 14.10
N ARG B 229 -15.48 -1.70 13.14
CA ARG B 229 -16.42 -0.91 12.36
C ARG B 229 -16.21 -1.26 10.90
N ASP B 230 -17.29 -1.69 10.23
CA ASP B 230 -17.27 -1.87 8.79
C ASP B 230 -17.80 -0.59 8.18
N ASN B 231 -16.93 0.23 7.63
CA ASN B 231 -17.36 1.54 7.16
C ASN B 231 -17.95 1.49 5.76
N ALA B 232 -18.10 0.31 5.16
CA ALA B 232 -18.53 0.30 3.77
C ALA B 232 -19.68 -0.66 3.47
N PHE B 233 -19.70 -1.84 4.08
CA PHE B 233 -20.51 -2.94 3.58
C PHE B 233 -21.66 -3.37 4.48
N SER B 234 -21.59 -3.13 5.78
CA SER B 234 -22.57 -3.77 6.65
C SER B 234 -22.78 -2.97 7.93
N ALA B 235 -24.01 -3.02 8.43
CA ALA B 235 -24.30 -2.48 9.76
C ALA B 235 -23.98 -3.46 10.88
N LYS B 236 -23.69 -4.72 10.53
CA LYS B 236 -23.10 -5.65 11.49
C LYS B 236 -21.64 -5.30 11.74
N ARG B 237 -21.20 -5.43 12.99
CA ARG B 237 -19.79 -5.11 13.27
C ARG B 237 -18.90 -6.31 13.01
N PRO B 238 -17.77 -6.15 12.33
CA PRO B 238 -16.82 -7.26 12.22
C PRO B 238 -16.20 -7.58 13.57
N ILE B 239 -15.88 -8.85 13.75
CA ILE B 239 -15.20 -9.33 14.95
C ILE B 239 -13.93 -10.05 14.50
N ILE B 240 -12.81 -9.71 15.10
CA ILE B 240 -11.53 -10.35 14.79
C ILE B 240 -11.07 -11.06 16.05
N ARG B 241 -10.72 -12.34 15.92
CA ARG B 241 -10.21 -13.11 17.04
C ARG B 241 -8.76 -13.47 16.77
N ILE B 242 -7.92 -13.25 17.77
CA ILE B 242 -6.48 -13.46 17.66
C ILE B 242 -6.09 -14.56 18.63
N ASP B 243 -5.43 -15.58 18.11
CA ASP B 243 -4.79 -16.61 18.91
C ASP B 243 -3.32 -16.22 19.05
N THR B 244 -2.94 -15.74 20.23
CA THR B 244 -1.58 -15.24 20.39
C THR B 244 -0.55 -16.36 20.45
N VAL B 245 -0.97 -17.59 20.77
CA VAL B 245 -0.03 -18.70 20.78
C VAL B 245 0.21 -19.21 19.38
N ALA B 246 -0.86 -19.46 18.63
CA ALA B 246 -0.71 -19.88 17.25
C ALA B 246 -0.24 -18.74 16.36
N GLY B 247 -0.44 -17.49 16.78
CA GLY B 247 -0.12 -16.36 15.93
C GLY B 247 -1.01 -16.31 14.71
N THR B 248 -2.31 -16.49 14.90
CA THR B 248 -3.29 -16.45 13.82
C THR B 248 -4.40 -15.47 14.19
N ALA B 249 -5.10 -14.96 13.18
CA ALA B 249 -6.23 -14.09 13.39
C ALA B 249 -7.28 -14.38 12.34
N ARG B 250 -8.55 -14.37 12.74
CA ARG B 250 -9.66 -14.64 11.84
C ARG B 250 -10.76 -13.60 12.01
N GLY B 251 -11.33 -13.16 10.88
CA GLY B 251 -12.41 -12.18 10.89
C GLY B 251 -13.78 -12.83 10.73
N TYR B 252 -14.76 -12.26 11.42
CA TYR B 252 -16.15 -12.68 11.38
C TYR B 252 -17.05 -11.46 11.25
N LEU B 253 -18.32 -11.69 10.98
CA LEU B 253 -19.34 -10.66 11.10
C LEU B 253 -20.18 -11.00 12.31
N MET B 254 -20.38 -10.03 13.19
CA MET B 254 -21.21 -10.28 14.36
C MET B 254 -22.61 -10.64 13.90
N CYS B 255 -23.12 -11.76 14.42
CA CYS B 255 -24.29 -12.41 13.87
C CYS B 255 -25.60 -11.91 14.50
N SER B 256 -25.55 -11.24 15.64
CA SER B 256 -26.77 -10.92 16.37
C SER B 256 -27.73 -10.03 15.57
N ASP B 257 -29.02 -10.29 15.72
CA ASP B 257 -30.05 -9.42 15.15
C ASP B 257 -29.95 -8.00 15.66
N THR B 258 -29.32 -7.79 16.82
CA THR B 258 -29.15 -6.45 17.39
C THR B 258 -27.89 -5.85 16.79
N TYR B 259 -28.04 -5.23 15.61
CA TYR B 259 -26.88 -4.69 14.90
C TYR B 259 -26.35 -3.48 15.63
N LEU B 260 -25.02 -3.41 15.80
CA LEU B 260 -24.42 -2.44 16.71
C LEU B 260 -23.89 -1.17 16.04
N ASP B 261 -23.81 -1.11 14.71
CA ASP B 261 -23.24 0.07 14.08
C ASP B 261 -24.33 1.12 13.87
N THR B 262 -23.92 2.32 13.47
CA THR B 262 -24.79 3.44 13.13
C THR B 262 -24.24 4.11 11.88
N PRO B 263 -25.04 4.26 10.81
CA PRO B 263 -26.46 3.86 10.68
C PRO B 263 -26.66 2.36 10.54
N ARG B 264 -27.90 1.92 10.70
CA ARG B 264 -28.21 0.49 10.67
C ARG B 264 -29.67 0.34 10.32
N PRO B 265 -30.05 -0.77 9.71
CA PRO B 265 -31.47 -1.06 9.47
C PRO B 265 -32.11 -1.59 10.75
N ALA B 266 -33.40 -1.93 10.65
CA ALA B 266 -34.12 -2.47 11.79
C ALA B 266 -33.53 -3.81 12.23
N ASP B 267 -33.61 -4.07 13.53
CA ASP B 267 -33.03 -5.27 14.13
C ASP B 267 -33.59 -6.52 13.45
N GLY B 268 -32.70 -7.45 13.10
CA GLY B 268 -33.10 -8.69 12.50
C GLY B 268 -33.44 -8.63 11.03
N SER B 269 -33.44 -7.45 10.41
CA SER B 269 -33.94 -7.33 9.05
C SER B 269 -32.91 -7.70 7.98
N ILE B 270 -31.66 -7.99 8.35
CA ILE B 270 -30.68 -8.48 7.39
C ILE B 270 -30.92 -9.98 7.20
N THR B 271 -31.37 -10.36 6.01
CA THR B 271 -31.81 -11.72 5.75
C THR B 271 -30.66 -12.58 5.26
N GLY B 272 -30.42 -13.71 5.94
CA GLY B 272 -29.48 -14.70 5.48
C GLY B 272 -28.58 -15.16 6.60
N SER B 273 -27.47 -15.78 6.21
CA SER B 273 -26.52 -16.32 7.17
C SER B 273 -25.78 -15.20 7.91
N CYS B 274 -24.98 -15.61 8.88
CA CYS B 274 -24.25 -14.65 9.71
C CYS B 274 -23.40 -13.71 8.88
N GLU B 275 -22.80 -14.20 7.80
CA GLU B 275 -21.88 -13.42 6.99
C GLU B 275 -22.58 -12.52 5.96
N THR B 276 -23.91 -12.48 5.94
CA THR B 276 -24.61 -11.61 4.99
C THR B 276 -24.44 -10.14 5.39
N ASP B 277 -24.01 -9.32 4.44
CA ASP B 277 -23.74 -7.91 4.75
C ASP B 277 -25.03 -7.15 5.05
N GLY B 278 -26.07 -7.38 4.27
CA GLY B 278 -27.21 -6.49 4.31
C GLY B 278 -27.12 -5.41 3.24
N THR B 279 -28.26 -4.78 2.96
CA THR B 279 -28.35 -3.92 1.79
C THR B 279 -27.60 -2.62 2.00
N SER B 280 -27.71 -2.04 3.19
CA SER B 280 -27.05 -0.78 3.48
C SER B 280 -25.60 -1.04 3.89
N GLY B 281 -25.10 -0.29 4.88
CA GLY B 281 -23.77 -0.51 5.43
C GLY B 281 -22.79 0.62 5.24
N GLY B 282 -23.09 1.63 4.42
CA GLY B 282 -22.17 2.75 4.28
C GLY B 282 -22.10 3.57 5.57
N GLY B 283 -20.88 3.98 5.91
CA GLY B 283 -20.67 4.73 7.13
C GLY B 283 -20.55 3.82 8.33
N GLY B 284 -20.40 4.43 9.49
CA GLY B 284 -20.27 3.64 10.70
C GLY B 284 -19.71 4.52 11.80
N VAL B 285 -19.49 3.88 12.95
CA VAL B 285 -18.93 4.55 14.11
C VAL B 285 -18.15 3.52 14.90
N LYS B 286 -17.07 3.96 15.54
CA LYS B 286 -16.34 3.06 16.43
C LYS B 286 -17.26 2.56 17.53
N GLY B 287 -17.20 1.26 17.80
CA GLY B 287 -18.00 0.64 18.82
C GLY B 287 -17.13 -0.03 19.87
N ALA B 288 -17.80 -0.57 20.90
CA ALA B 288 -17.07 -1.11 22.03
C ALA B 288 -17.87 -2.25 22.67
N PHE B 289 -17.15 -3.05 23.45
CA PHE B 289 -17.78 -4.07 24.29
C PHE B 289 -16.97 -4.23 25.56
N ALA B 290 -17.54 -4.98 26.50
CA ALA B 290 -16.84 -5.43 27.70
C ALA B 290 -17.26 -6.87 27.93
N LEU B 291 -16.66 -7.51 28.94
CA LEU B 291 -16.90 -8.93 29.10
C LEU B 291 -16.59 -9.38 30.53
N SER B 292 -17.02 -10.61 30.81
CA SER B 292 -16.63 -11.40 31.96
C SER B 292 -15.92 -12.64 31.46
N ARG B 293 -14.83 -13.04 32.13
CA ARG B 293 -14.10 -14.22 31.65
C ARG B 293 -13.43 -14.93 32.82
N THR B 294 -13.15 -16.22 32.61
CA THR B 294 -12.23 -17.00 33.41
C THR B 294 -10.88 -16.99 32.70
N THR B 295 -9.94 -17.81 33.17
CA THR B 295 -8.70 -17.98 32.43
C THR B 295 -8.92 -18.78 31.14
N GLU B 296 -10.03 -19.51 31.03
CA GLU B 296 -10.28 -20.39 29.90
C GLU B 296 -11.27 -19.84 28.88
N ALA B 297 -12.24 -19.03 29.29
CA ALA B 297 -13.31 -18.66 28.37
C ALA B 297 -13.97 -17.37 28.82
N THR B 298 -14.49 -16.63 27.85
CA THR B 298 -15.38 -15.51 28.14
C THR B 298 -16.78 -16.05 28.44
N THR B 299 -17.38 -15.59 29.53
CA THR B 299 -18.66 -16.12 29.96
C THR B 299 -19.83 -15.17 29.72
N GLU B 300 -19.56 -13.93 29.38
CA GLU B 300 -20.63 -12.97 29.14
C GLU B 300 -20.00 -11.77 28.44
N ARG B 301 -20.77 -11.17 27.54
CA ARG B 301 -20.31 -10.00 26.82
C ARG B 301 -21.32 -8.89 26.98
N PHE B 302 -20.82 -7.66 27.02
CA PHE B 302 -21.62 -6.46 27.19
C PHE B 302 -21.36 -5.55 26.00
N TYR B 303 -22.41 -5.01 25.39
CA TYR B 303 -22.26 -4.23 24.17
C TYR B 303 -22.96 -2.89 24.31
N VAL B 304 -22.53 -1.92 23.50
CA VAL B 304 -23.16 -0.61 23.43
C VAL B 304 -23.52 -0.32 21.97
N ARG B 305 -24.58 0.44 21.78
CA ARG B 305 -24.86 1.04 20.49
C ARG B 305 -25.65 2.31 20.75
N THR B 306 -25.81 3.13 19.71
CA THR B 306 -26.56 4.36 19.85
C THR B 306 -28.06 4.10 20.03
N VAL B 307 -28.76 5.08 20.62
CA VAL B 307 -30.22 5.02 20.65
C VAL B 307 -30.77 5.10 19.24
N SER B 308 -30.27 6.04 18.45
CA SER B 308 -30.78 6.24 17.09
C SER B 308 -30.15 5.24 16.13
N SER B 309 -30.94 4.76 15.18
CA SER B 309 -30.41 3.90 14.12
C SER B 309 -29.87 4.69 12.94
N SER B 310 -30.01 6.02 12.95
CA SER B 310 -29.51 6.85 11.87
C SER B 310 -28.48 7.88 12.32
N ALA B 311 -28.54 8.36 13.55
CA ALA B 311 -27.65 9.42 14.00
C ALA B 311 -26.81 8.95 15.18
N ARG B 312 -25.68 9.60 15.39
CA ARG B 312 -24.81 9.29 16.53
C ARG B 312 -25.34 10.01 17.75
N SER B 313 -26.42 9.46 18.31
CA SER B 313 -27.00 10.03 19.53
C SER B 313 -27.51 8.90 20.43
N GLY B 314 -27.29 9.09 21.72
CA GLY B 314 -27.66 8.11 22.73
C GLY B 314 -26.70 6.95 22.79
N ALA B 315 -26.83 6.20 23.89
CA ALA B 315 -26.06 4.99 24.11
C ALA B 315 -26.91 4.02 24.89
N VAL B 316 -27.02 2.79 24.40
CA VAL B 316 -27.82 1.75 25.04
C VAL B 316 -26.92 0.54 25.27
N PHE B 317 -26.93 0.00 26.49
CA PHE B 317 -26.13 -1.16 26.82
C PHE B 317 -26.94 -2.43 26.66
N TYR B 318 -26.27 -3.50 26.24
CA TYR B 318 -26.85 -4.82 26.03
C TYR B 318 -25.87 -5.86 26.58
N LYS B 319 -26.34 -7.11 26.67
CA LYS B 319 -25.52 -8.21 27.16
C LYS B 319 -25.95 -9.51 26.50
N THR B 320 -25.04 -10.48 26.46
CA THR B 320 -25.37 -11.80 25.96
C THR B 320 -24.35 -12.81 26.47
N THR B 321 -24.80 -14.05 26.65
CA THR B 321 -23.90 -15.17 26.91
C THR B 321 -23.69 -16.04 25.66
N ASP B 322 -24.23 -15.64 24.52
CA ASP B 322 -24.05 -16.37 23.27
C ASP B 322 -22.69 -16.01 22.65
N ASP B 323 -22.22 -16.87 21.75
CA ASP B 323 -21.06 -16.55 20.95
C ASP B 323 -21.47 -15.58 19.85
N PRO B 324 -20.93 -14.36 19.83
CA PRO B 324 -21.44 -13.34 18.90
C PRO B 324 -21.13 -13.62 17.44
N THR B 325 -20.21 -14.54 17.13
CA THR B 325 -19.92 -14.89 15.75
C THR B 325 -20.83 -15.99 15.21
N GLU B 326 -21.65 -16.59 16.05
CA GLU B 326 -22.46 -17.75 15.66
C GLU B 326 -23.94 -17.54 15.84
N SER B 327 -24.37 -16.84 16.89
CA SER B 327 -25.78 -16.78 17.26
C SER B 327 -26.42 -15.52 16.69
N ASN B 328 -27.58 -15.67 16.06
CA ASN B 328 -28.32 -14.50 15.61
C ASN B 328 -29.32 -13.99 16.65
N ASN B 329 -29.30 -14.57 17.85
CA ASN B 329 -30.26 -14.15 18.87
C ASN B 329 -30.08 -12.67 19.18
N PRO B 330 -31.18 -11.94 19.38
CA PRO B 330 -31.08 -10.58 19.89
C PRO B 330 -30.31 -10.56 21.21
N LEU B 331 -29.59 -9.46 21.44
CA LEU B 331 -28.94 -9.22 22.71
C LEU B 331 -29.96 -8.78 23.75
N THR B 332 -29.58 -8.89 25.03
CA THR B 332 -30.47 -8.55 26.12
C THR B 332 -30.28 -7.11 26.54
N LEU B 333 -31.38 -6.36 26.56
CA LEU B 333 -31.31 -4.95 26.92
C LEU B 333 -30.89 -4.78 28.38
N ILE B 334 -29.86 -3.97 28.59
CA ILE B 334 -29.49 -3.52 29.93
C ILE B 334 -30.16 -2.19 30.25
N GLY B 335 -30.02 -1.23 29.35
CA GLY B 335 -30.73 0.02 29.48
C GLY B 335 -29.95 1.16 28.83
N THR B 336 -30.55 2.35 28.94
CA THR B 336 -30.04 3.54 28.28
C THR B 336 -28.98 4.21 29.16
N ALA B 337 -27.74 4.23 28.68
CA ALA B 337 -26.67 4.90 29.40
C ALA B 337 -26.61 6.39 29.08
N VAL B 338 -27.04 6.79 27.88
CA VAL B 338 -27.06 8.19 27.47
C VAL B 338 -28.35 8.41 26.71
N GLY B 339 -29.14 9.40 27.13
CA GLY B 339 -30.43 9.64 26.48
C GLY B 339 -30.28 9.91 24.99
N GLY B 340 -31.34 9.59 24.25
CA GLY B 340 -31.31 9.69 22.80
C GLY B 340 -31.20 11.10 22.27
N ALA B 341 -31.45 12.11 23.10
CA ALA B 341 -31.29 13.50 22.69
C ALA B 341 -29.85 13.99 22.77
N ILE B 342 -28.92 13.20 23.29
CA ILE B 342 -27.56 13.63 23.59
C ILE B 342 -26.62 13.01 22.56
N PRO B 343 -25.81 13.81 21.85
CA PRO B 343 -24.82 13.24 20.94
C PRO B 343 -23.92 12.23 21.64
N MET B 344 -23.65 11.14 20.93
CA MET B 344 -22.82 10.07 21.47
C MET B 344 -22.10 9.49 20.27
N TRP B 345 -20.77 9.63 20.25
CA TRP B 345 -19.99 9.30 19.06
C TRP B 345 -19.24 7.98 19.25
N TYR B 346 -17.94 8.04 19.46
CA TYR B 346 -17.17 6.80 19.60
C TYR B 346 -17.41 6.20 20.97
N SER B 347 -17.22 4.90 21.05
CA SER B 347 -17.11 4.25 22.35
C SER B 347 -15.88 3.35 22.32
N PHE B 348 -15.34 3.03 23.49
CA PHE B 348 -14.09 2.29 23.50
C PHE B 348 -14.07 1.28 24.63
N SER B 349 -13.46 0.13 24.37
CA SER B 349 -13.20 -0.87 25.39
C SER B 349 -11.89 -0.56 26.13
N PHE B 350 -11.84 -0.89 27.42
CA PHE B 350 -10.54 -0.92 28.08
C PHE B 350 -10.60 -1.85 29.27
N GLU B 351 -9.42 -2.19 29.76
CA GLU B 351 -9.31 -3.13 30.86
C GLU B 351 -8.50 -2.51 31.99
N ILE B 352 -8.97 -2.69 33.23
CA ILE B 352 -8.21 -2.27 34.40
C ILE B 352 -7.58 -3.52 35.00
N PRO B 353 -6.26 -3.68 34.91
CA PRO B 353 -5.62 -4.85 35.53
C PRO B 353 -5.58 -4.69 37.05
N GLY B 354 -5.67 -5.82 37.75
CA GLY B 354 -5.66 -5.82 39.20
C GLY B 354 -4.75 -6.91 39.73
N LYS B 355 -4.49 -6.83 41.04
CA LYS B 355 -3.66 -7.85 41.65
C LYS B 355 -4.38 -9.18 41.76
N VAL B 356 -5.70 -9.19 41.93
CA VAL B 356 -6.44 -10.43 42.09
C VAL B 356 -7.33 -10.71 40.89
N CYS B 357 -7.93 -9.69 40.28
CA CYS B 357 -8.79 -9.89 39.13
C CYS B 357 -8.69 -8.68 38.22
N ASP B 358 -9.02 -8.88 36.95
CA ASP B 358 -9.07 -7.80 35.98
C ASP B 358 -10.51 -7.31 35.82
N GLN B 359 -10.66 -6.11 35.28
CA GLN B 359 -12.02 -5.58 35.07
C GLN B 359 -12.09 -4.87 33.73
N THR B 360 -13.12 -5.17 32.95
CA THR B 360 -13.29 -4.49 31.67
C THR B 360 -14.36 -3.41 31.79
N CYS B 361 -14.24 -2.40 30.92
CA CYS B 361 -15.09 -1.22 30.97
C CYS B 361 -15.39 -0.73 29.56
N ILE B 362 -16.41 0.11 29.46
CA ILE B 362 -16.72 0.84 28.22
C ILE B 362 -16.67 2.33 28.53
N GLY B 363 -15.99 3.08 27.67
CA GLY B 363 -15.98 4.53 27.75
C GLY B 363 -16.80 5.08 26.59
N LEU B 364 -17.38 6.26 26.80
CA LEU B 364 -18.32 6.86 25.85
C LEU B 364 -17.87 8.27 25.51
N GLU B 365 -17.68 8.53 24.21
CA GLU B 365 -17.33 9.87 23.72
C GLU B 365 -18.61 10.65 23.52
N MET B 366 -19.00 11.43 24.53
CA MET B 366 -20.23 12.21 24.43
C MET B 366 -19.88 13.50 23.71
N GLY B 367 -20.27 13.59 22.44
CA GLY B 367 -19.72 14.62 21.59
C GLY B 367 -20.31 16.00 21.85
N LEU B 368 -19.44 17.00 21.70
CA LEU B 368 -19.83 18.40 21.83
C LEU B 368 -19.35 19.14 20.59
N THR B 369 -20.25 19.80 19.88
CA THR B 369 -19.78 20.53 18.72
C THR B 369 -20.72 21.67 18.39
N MET B 370 -20.14 22.74 17.85
CA MET B 370 -20.91 23.87 17.36
C MET B 370 -21.43 23.64 15.94
N GLY B 371 -20.98 22.57 15.26
CA GLY B 371 -21.54 22.18 13.98
C GLY B 371 -20.46 21.81 12.97
N HIS B 372 -20.87 21.75 11.70
CA HIS B 372 -19.99 21.32 10.62
C HIS B 372 -18.80 22.25 10.49
N GLN B 373 -17.60 21.67 10.55
CA GLN B 373 -16.34 22.42 10.46
C GLN B 373 -16.29 23.57 11.47
N LEU B 374 -16.86 23.34 12.64
CA LEU B 374 -16.72 24.25 13.77
C LEU B 374 -16.16 23.48 14.97
N TRP B 375 -15.90 24.21 16.05
CA TRP B 375 -15.33 23.66 17.29
C TRP B 375 -15.96 22.32 17.65
N THR B 376 -15.09 21.37 18.04
CA THR B 376 -15.50 19.99 18.29
C THR B 376 -14.69 19.39 19.43
N SER B 377 -15.36 18.80 20.42
CA SER B 377 -14.69 18.04 21.46
C SER B 377 -15.70 17.06 22.08
N ASN B 378 -15.54 16.78 23.38
CA ASN B 378 -16.37 15.74 23.99
C ASN B 378 -16.31 15.80 25.51
N SER B 379 -17.17 15.00 26.12
CA SER B 379 -17.07 14.56 27.51
C SER B 379 -16.98 13.04 27.49
N VAL B 380 -16.22 12.46 28.41
CA VAL B 380 -16.02 11.01 28.46
C VAL B 380 -16.72 10.45 29.70
N ALA B 381 -17.64 9.51 29.48
CA ALA B 381 -18.26 8.77 30.57
C ALA B 381 -17.76 7.33 30.54
N VAL B 382 -17.52 6.78 31.73
CA VAL B 382 -16.94 5.45 31.91
C VAL B 382 -17.89 4.57 32.69
N TYR B 383 -18.18 3.39 32.14
CA TYR B 383 -18.98 2.35 32.80
C TYR B 383 -18.18 1.06 32.83
N CYS B 384 -18.25 0.34 33.96
CA CYS B 384 -17.45 -0.87 34.15
C CYS B 384 -18.34 -2.03 34.56
N VAL B 385 -17.81 -3.24 34.38
CA VAL B 385 -18.55 -4.48 34.63
C VAL B 385 -18.56 -4.76 36.13
N ILE B 386 -19.74 -4.62 36.74
CA ILE B 386 -19.91 -4.72 38.18
C ILE B 386 -21.41 -4.65 38.45
N GLY B 387 -21.86 -5.26 39.55
CA GLY B 387 -23.25 -5.13 39.98
C GLY B 387 -24.19 -5.98 39.13
N ASP B 388 -25.49 -5.68 39.24
CA ASP B 388 -26.51 -6.44 38.55
C ASP B 388 -27.41 -5.61 37.65
N ASN B 389 -27.38 -4.29 37.76
CA ASN B 389 -28.25 -3.44 36.95
C ASN B 389 -27.52 -2.14 36.66
N LEU B 390 -27.85 -1.54 35.51
CA LEU B 390 -27.40 -0.20 35.21
C LEU B 390 -27.84 0.77 36.30
N ASP B 391 -26.89 1.57 36.80
CA ASP B 391 -27.21 2.46 37.92
C ASP B 391 -27.82 3.79 37.46
N TRP B 392 -27.22 4.46 36.47
CA TRP B 392 -27.73 5.76 36.05
C TRP B 392 -27.23 6.07 34.65
N ASP B 393 -27.95 6.95 33.97
CA ASP B 393 -27.50 7.47 32.68
C ASP B 393 -26.66 8.72 32.90
N SER B 394 -25.91 9.09 31.86
CA SER B 394 -25.01 10.23 31.91
C SER B 394 -25.50 11.36 31.01
N THR B 395 -25.24 12.59 31.43
CA THR B 395 -25.53 13.78 30.64
C THR B 395 -24.26 14.61 30.58
N THR B 396 -24.21 15.61 29.70
CA THR B 396 -23.08 16.53 29.75
C THR B 396 -23.43 17.86 30.40
N ASP B 397 -24.66 18.36 30.20
CA ASP B 397 -25.03 19.71 30.65
C ASP B 397 -24.04 20.76 30.14
N VAL B 398 -23.54 20.54 28.92
CA VAL B 398 -22.72 21.51 28.23
C VAL B 398 -23.46 21.88 26.95
N VAL B 399 -23.73 23.17 26.77
CA VAL B 399 -24.33 23.69 25.55
C VAL B 399 -23.20 24.32 24.74
N PRO B 400 -22.80 23.74 23.60
CA PRO B 400 -21.66 24.28 22.85
C PRO B 400 -21.77 25.76 22.56
N ALA B 401 -22.99 26.28 22.36
CA ALA B 401 -23.16 27.72 22.20
C ALA B 401 -22.58 28.51 23.38
N ASP B 402 -22.55 27.93 24.59
CA ASP B 402 -22.00 28.64 25.75
C ASP B 402 -20.48 28.63 25.81
N ILE B 403 -19.80 27.79 25.04
CA ILE B 403 -18.35 27.75 25.07
C ILE B 403 -17.80 29.01 24.41
N VAL B 404 -16.89 29.69 25.10
CA VAL B 404 -16.42 31.00 24.60
C VAL B 404 -15.13 30.89 23.79
C2 BCZ C . 19.92 -5.54 -13.17
N25 BCZ C . 20.02 -4.43 -14.15
C26 BCZ C . 21.21 -4.05 -14.75
N30 BCZ C . 21.22 -3.01 -15.56
N27 BCZ C . 22.33 -4.81 -14.46
C3 BCZ C . 18.91 -5.19 -12.01
C10 BCZ C . 19.40 -4.14 -11.01
C24 BCZ C . 18.30 -3.89 -9.91
C37 BCZ C . 18.78 -2.91 -8.81
C38 BCZ C . 19.97 -3.44 -8.07
C36 BCZ C . 17.05 -3.30 -10.57
C39 BCZ C . 15.81 -3.61 -9.73
N11 BCZ C . 19.68 -2.90 -11.73
C13 BCZ C . 20.96 -2.43 -11.83
C15 BCZ C . 21.18 -1.14 -12.60
O14 BCZ C . 21.92 -3.02 -11.33
C4 BCZ C . 18.67 -6.57 -11.34
O9 BCZ C . 19.59 -6.76 -10.28
C5 BCZ C . 18.94 -7.61 -12.44
C6 BCZ C . 17.72 -8.53 -12.73
O8 BCZ C . 16.78 -8.49 -11.87
O7 BCZ C . 17.67 -9.25 -13.71
C1 BCZ C . 19.34 -6.86 -13.71
C1 NAG D . -5.03 12.15 -23.07
C2 NAG D . -5.87 13.39 -23.39
C3 NAG D . -6.06 14.25 -22.13
C4 NAG D . -6.58 13.41 -20.98
C5 NAG D . -5.65 12.23 -20.75
C6 NAG D . -6.13 11.30 -19.67
C7 NAG D . -5.85 14.44 -25.61
C8 NAG D . -5.05 15.24 -26.61
N2 NAG D . -5.25 14.16 -24.45
O3 NAG D . -6.97 15.30 -22.43
O4 NAG D . -6.68 14.20 -19.79
O5 NAG D . -5.59 11.46 -21.96
O6 NAG D . -7.28 10.60 -20.10
O7 NAG D . -6.99 14.06 -25.87
CA CA E . 7.52 -7.59 -7.07
C2 BCZ F . -11.74 9.89 12.22
N25 BCZ F . -10.59 9.41 13.03
C26 BCZ F . -9.51 10.26 13.35
N30 BCZ F . -9.52 11.52 12.99
N27 BCZ F . -8.46 9.66 14.08
C3 BCZ F . -12.24 8.74 11.28
C10 BCZ F . -11.28 8.41 10.10
C24 BCZ F . -11.86 7.29 9.19
C37 BCZ F . -12.03 5.98 9.97
C38 BCZ F . -13.16 5.15 9.38
C36 BCZ F . -10.92 7.04 7.99
C39 BCZ F . -11.05 8.15 6.98
N11 BCZ F . -9.97 8.00 10.61
C13 BCZ F . -8.88 8.79 10.37
C15 BCZ F . -7.55 8.33 10.90
O14 BCZ F . -8.95 9.85 9.73
C4 BCZ F . -13.62 9.26 10.79
O9 BCZ F . -13.50 10.01 9.57
C5 BCZ F . -14.14 10.14 11.90
C6 BCZ F . -15.48 9.66 12.51
O8 BCZ F . -16.09 8.72 11.89
O7 BCZ F . -15.92 10.19 13.53
C1 BCZ F . -13.02 10.25 13.00
C1 NAG G . -8.89 -19.52 24.98
C2 NAG G . -8.27 -20.90 25.29
C3 NAG G . -7.96 -21.66 23.99
C4 NAG G . -9.17 -21.69 23.07
C5 NAG G . -9.64 -20.27 22.82
C6 NAG G . -10.84 -20.17 21.89
C7 NAG G . -6.86 -21.19 27.30
C8 NAG G . -5.54 -20.88 27.93
N2 NAG G . -7.05 -20.71 26.06
O3 NAG G . -7.55 -22.98 24.30
O4 NAG G . -8.85 -22.34 21.84
O5 NAG G . -10.00 -19.68 24.08
O6 NAG G . -12.00 -20.74 22.47
O7 NAG G . -7.71 -21.87 27.88
CA CA H . -21.31 0.20 8.82
#